data_6WMN
#
_entry.id   6WMN
#
_cell.length_a   67.210
_cell.length_b   79.810
_cell.length_c   157.790
_cell.angle_alpha   90.000
_cell.angle_beta   97.890
_cell.angle_gamma   90.000
#
_symmetry.space_group_name_H-M   'P 1 21 1'
#
loop_
_entity.id
_entity.type
_entity.pdbx_description
1 polymer 'N-acetyllactosaminide beta-1,3-N-acetylglucosaminyltransferase 2'
2 branched beta-D-mannopyranose-(1-4)-2-acetamido-2-deoxy-beta-D-glucopyranose-(1-4)-2-acetamido-2-deoxy-beta-D-glucopyranose
3 branched alpha-D-mannopyranose-(1-6)-beta-D-mannopyranose-(1-4)-2-acetamido-2-deoxy-beta-D-glucopyranose-(1-4)-2-acetamido-2-deoxy-beta-D-glucopyranose
4 non-polymer 'MAGNESIUM ION'
5 non-polymer "URIDINE-5'-DIPHOSPHATE"
6 non-polymer 2-acetamido-2-deoxy-beta-D-glucopyranose
7 non-polymer 1,2-ETHANEDIOL
8 non-polymer 'CHLORIDE ION'
9 water water
#
_entity_poly.entity_id   1
_entity_poly.type   'polypeptide(L)'
_entity_poly.pdbx_seq_one_letter_code
;GKNGKGEVIIPKEKFWKISTPPEAYWNREQEKLNRQYNPILSMLTNQTGEAGRLSNISHLNYCEPDLRVTSVVTGFNNLP
DRFKDFLLYLRCRNYSLLIDQPDKCAKKPFLLLAIKSLTPHFARRQAIRESWGQESNAGNQTVVRVFLLGQTPPEDNHPD
LSDMLKFESEKHQDILMWNYRDTFFNLSLKEVLFLRWVSTSCPDTEFVFKGDDDVFVNTHHILNYLNSLSKTKAKDLFIG
DVIHNAGPHRDKKLKYYIPEVVYSGLYPPYAGGGGFLYSGHLALRLYHITDQVHLYPIDDVYTGMCLQKLGLVPEKHKGF
RTFDIEEKNKNNICSYVDLMLVHSRKPQEMIDIWSQLQSAHLKC
;
_entity_poly.pdbx_strand_id   A,B,C,D
#
# COMPACT_ATOMS: atom_id res chain seq x y z
N ALA A 24 -31.36 -42.13 -15.16
CA ALA A 24 -30.77 -40.87 -14.73
C ALA A 24 -30.08 -41.03 -13.38
N TYR A 25 -28.94 -40.35 -13.23
CA TYR A 25 -28.11 -40.54 -12.04
C TYR A 25 -28.82 -40.08 -10.77
N TRP A 26 -29.35 -38.85 -10.78
CA TRP A 26 -30.00 -38.33 -9.58
C TRP A 26 -31.18 -39.20 -9.17
N ASN A 27 -31.97 -39.65 -10.14
CA ASN A 27 -33.12 -40.48 -9.81
C ASN A 27 -32.68 -41.80 -9.18
N ARG A 28 -31.67 -42.44 -9.74
CA ARG A 28 -31.18 -43.70 -9.17
C ARG A 28 -30.60 -43.48 -7.77
N GLU A 29 -29.83 -42.41 -7.59
CA GLU A 29 -29.21 -42.17 -6.29
C GLU A 29 -30.25 -41.79 -5.24
N GLN A 30 -31.31 -41.08 -5.64
CA GLN A 30 -32.37 -40.77 -4.68
C GLN A 30 -33.12 -42.03 -4.26
N GLU A 31 -33.29 -42.98 -5.19
CA GLU A 31 -33.93 -44.24 -4.84
C GLU A 31 -33.10 -45.01 -3.82
N LYS A 32 -31.76 -45.03 -4.01
CA LYS A 32 -30.88 -45.63 -3.02
C LYS A 32 -31.00 -44.94 -1.67
N LEU A 33 -31.08 -43.60 -1.67
CA LEU A 33 -31.19 -42.86 -0.42
C LEU A 33 -32.45 -43.21 0.35
N ASN A 34 -33.57 -43.38 -0.35
CA ASN A 34 -34.81 -43.77 0.31
C ASN A 34 -34.66 -45.11 1.02
N ARG A 35 -33.98 -46.07 0.38
CA ARG A 35 -33.79 -47.37 1.03
C ARG A 35 -32.92 -47.26 2.29
N GLN A 36 -31.88 -46.42 2.25
CA GLN A 36 -31.00 -46.27 3.40
C GLN A 36 -31.73 -45.65 4.59
N TYR A 37 -32.63 -44.72 4.34
CA TYR A 37 -33.37 -44.08 5.42
C TYR A 37 -34.57 -44.90 5.87
N ASN A 38 -34.82 -46.03 5.22
CA ASN A 38 -35.85 -46.98 5.66
C ASN A 38 -35.14 -48.33 5.73
N PRO A 39 -34.35 -48.56 6.80
CA PRO A 39 -33.60 -49.81 7.01
C PRO A 39 -34.51 -51.02 7.17
N SER A 58 -20.76 -42.75 2.67
CA SER A 58 -21.67 -41.73 3.18
C SER A 58 -22.05 -40.74 2.09
N HIS A 59 -23.21 -40.10 2.26
CA HIS A 59 -23.68 -39.07 1.34
C HIS A 59 -23.70 -37.68 1.94
N LEU A 60 -23.24 -37.51 3.17
CA LEU A 60 -23.27 -36.22 3.85
C LEU A 60 -21.90 -35.66 4.17
N ASN A 61 -20.89 -36.51 4.39
CA ASN A 61 -19.57 -36.03 4.74
C ASN A 61 -18.47 -36.77 3.99
N TYR A 62 -18.80 -37.36 2.84
CA TYR A 62 -17.79 -37.86 1.92
C TYR A 62 -17.36 -36.72 1.02
N CYS A 63 -16.16 -36.20 1.28
CA CYS A 63 -15.71 -34.99 0.61
C CYS A 63 -14.49 -35.26 -0.28
N GLU A 64 -14.20 -36.53 -0.53
CA GLU A 64 -13.25 -36.88 -1.58
C GLU A 64 -13.99 -36.96 -2.92
N PRO A 65 -13.27 -36.88 -4.04
CA PRO A 65 -13.95 -37.02 -5.34
C PRO A 65 -14.64 -38.36 -5.44
N ASP A 66 -15.90 -38.34 -5.84
CA ASP A 66 -16.67 -39.56 -6.08
C ASP A 66 -16.33 -40.03 -7.48
N LEU A 67 -15.17 -40.70 -7.59
CA LEU A 67 -14.65 -41.10 -8.89
C LEU A 67 -15.53 -42.10 -9.62
N ARG A 68 -16.47 -42.75 -8.93
CA ARG A 68 -17.32 -43.72 -9.62
C ARG A 68 -18.26 -43.05 -10.61
N VAL A 69 -18.63 -41.79 -10.37
CA VAL A 69 -19.62 -41.13 -11.24
C VAL A 69 -19.11 -41.02 -12.67
N THR A 70 -17.78 -41.00 -12.85
CA THR A 70 -17.20 -40.93 -14.19
C THR A 70 -17.42 -42.21 -14.98
N SER A 71 -17.83 -43.30 -14.33
CA SER A 71 -18.12 -44.56 -15.00
C SER A 71 -19.61 -44.88 -15.08
N VAL A 72 -20.41 -44.43 -14.10
CA VAL A 72 -21.83 -44.72 -14.10
C VAL A 72 -22.60 -43.74 -14.98
N VAL A 73 -22.08 -42.53 -15.15
CA VAL A 73 -22.72 -41.52 -15.98
C VAL A 73 -22.12 -41.61 -17.37
N THR A 74 -22.94 -42.06 -18.32
CA THR A 74 -22.48 -42.19 -19.70
C THR A 74 -22.27 -40.81 -20.32
N GLY A 75 -21.14 -40.64 -21.00
CA GLY A 75 -20.80 -39.34 -21.55
C GLY A 75 -20.31 -38.34 -20.52
N PHE A 76 -19.80 -38.81 -19.38
CA PHE A 76 -19.36 -37.92 -18.31
C PHE A 76 -18.28 -36.96 -18.80
N ASN A 77 -17.32 -37.45 -19.59
CA ASN A 77 -16.20 -36.61 -20.01
C ASN A 77 -16.64 -35.44 -20.87
N ASN A 78 -17.76 -35.58 -21.58
CA ASN A 78 -18.25 -34.52 -22.46
C ASN A 78 -19.22 -33.57 -21.76
N LEU A 79 -19.46 -33.75 -20.46
CA LEU A 79 -20.34 -32.86 -19.73
C LEU A 79 -19.63 -31.56 -19.38
N PRO A 80 -20.38 -30.45 -19.29
CA PRO A 80 -19.77 -29.19 -18.81
C PRO A 80 -19.17 -29.35 -17.43
N ASP A 81 -18.18 -28.51 -17.13
CA ASP A 81 -17.43 -28.65 -15.89
C ASP A 81 -18.31 -28.52 -14.65
N ARG A 82 -19.36 -27.69 -14.72
CA ARG A 82 -20.23 -27.52 -13.56
C ARG A 82 -20.97 -28.81 -13.21
N PHE A 83 -21.29 -29.63 -14.21
CA PHE A 83 -21.90 -30.92 -13.92
C PHE A 83 -20.86 -31.91 -13.39
N LYS A 84 -19.64 -31.86 -13.92
CA LYS A 84 -18.57 -32.69 -13.39
C LYS A 84 -18.32 -32.40 -11.91
N ASP A 85 -18.22 -31.12 -11.56
CA ASP A 85 -18.00 -30.76 -10.16
C ASP A 85 -19.19 -31.15 -9.29
N PHE A 86 -20.41 -30.98 -9.82
CA PHE A 86 -21.59 -31.34 -9.04
C PHE A 86 -21.62 -32.84 -8.76
N LEU A 87 -21.35 -33.67 -9.77
CA LEU A 87 -21.41 -35.11 -9.59
C LEU A 87 -20.25 -35.61 -8.74
N LEU A 88 -19.07 -35.03 -8.90
CA LEU A 88 -17.89 -35.55 -8.19
C LEU A 88 -17.96 -35.22 -6.70
N TYR A 89 -18.60 -34.12 -6.32
CA TYR A 89 -18.63 -33.68 -4.93
C TYR A 89 -20.05 -33.58 -4.38
N LEU A 90 -20.98 -34.33 -4.96
CA LEU A 90 -22.37 -34.31 -4.51
C LEU A 90 -22.53 -34.73 -3.06
N ARG A 91 -21.69 -35.64 -2.59
CA ARG A 91 -21.88 -36.31 -1.31
C ARG A 91 -21.22 -35.57 -0.14
N CYS A 92 -20.80 -34.33 -0.34
CA CYS A 92 -20.18 -33.52 0.71
C CYS A 92 -21.07 -32.33 1.01
N ARG A 93 -21.43 -32.16 2.28
CA ARG A 93 -22.16 -30.96 2.67
C ARG A 93 -21.86 -30.51 4.10
N ASN A 94 -20.81 -31.01 4.74
CA ASN A 94 -20.46 -30.56 6.09
C ASN A 94 -19.42 -29.45 6.00
N TYR A 95 -19.84 -28.33 5.45
CA TYR A 95 -18.98 -27.17 5.32
C TYR A 95 -19.14 -26.24 6.51
N SER A 96 -18.05 -25.57 6.87
CA SER A 96 -18.00 -24.81 8.11
C SER A 96 -18.37 -23.36 7.86
N LEU A 97 -18.85 -22.71 8.92
CA LEU A 97 -19.23 -21.30 8.89
C LEU A 97 -18.00 -20.45 9.21
N LEU A 98 -17.55 -19.66 8.25
CA LEU A 98 -16.37 -18.82 8.44
C LEU A 98 -16.71 -17.48 9.05
N ILE A 99 -17.84 -16.89 8.66
CA ILE A 99 -18.32 -15.65 9.24
C ILE A 99 -19.73 -15.90 9.75
N ASP A 100 -19.92 -15.74 11.06
CA ASP A 100 -21.19 -15.99 11.70
C ASP A 100 -21.70 -14.71 12.36
N GLN A 101 -23.03 -14.66 12.54
CA GLN A 101 -23.69 -13.62 13.33
C GLN A 101 -24.51 -14.35 14.39
N PRO A 102 -23.85 -14.90 15.43
CA PRO A 102 -24.56 -15.78 16.36
C PRO A 102 -25.63 -15.10 17.18
N ASP A 103 -25.63 -13.78 17.28
CA ASP A 103 -26.63 -13.04 18.04
C ASP A 103 -27.65 -12.35 17.15
N LYS A 104 -27.72 -12.76 15.88
CA LYS A 104 -28.66 -12.14 14.94
C LYS A 104 -30.09 -12.26 15.45
N CYS A 105 -30.44 -13.40 16.05
CA CYS A 105 -31.79 -13.66 16.53
C CYS A 105 -31.83 -13.76 18.05
N ALA A 106 -31.04 -12.92 18.73
CA ALA A 106 -31.07 -12.89 20.20
C ALA A 106 -32.47 -12.55 20.70
N LYS A 107 -33.17 -11.68 19.99
CA LYS A 107 -34.60 -11.47 20.19
C LYS A 107 -35.36 -12.20 19.08
N LYS A 108 -36.37 -12.98 19.47
CA LYS A 108 -37.17 -13.78 18.56
C LYS A 108 -37.72 -12.94 17.41
N PRO A 109 -37.25 -13.14 16.18
CA PRO A 109 -37.73 -12.34 15.06
C PRO A 109 -39.12 -12.76 14.61
N PHE A 110 -39.88 -11.76 14.14
CA PHE A 110 -41.11 -12.05 13.43
C PHE A 110 -40.83 -12.46 11.99
N LEU A 111 -39.84 -11.85 11.35
CA LEU A 111 -39.50 -12.16 9.96
C LEU A 111 -38.00 -12.12 9.79
N LEU A 112 -37.43 -13.21 9.27
CA LEU A 112 -36.02 -13.28 8.95
C LEU A 112 -35.86 -13.10 7.44
N LEU A 113 -35.09 -12.08 7.06
CA LEU A 113 -34.75 -11.85 5.66
C LEU A 113 -33.41 -12.50 5.37
N ALA A 114 -33.39 -13.46 4.44
CA ALA A 114 -32.18 -14.18 4.06
C ALA A 114 -31.98 -13.99 2.57
N ILE A 115 -30.91 -13.28 2.20
CA ILE A 115 -30.68 -12.87 0.82
C ILE A 115 -29.42 -13.55 0.31
N LYS A 116 -29.54 -14.27 -0.81
CA LYS A 116 -28.40 -14.91 -1.44
C LYS A 116 -27.58 -13.86 -2.19
N SER A 117 -26.26 -13.90 -2.02
CA SER A 117 -25.40 -12.91 -2.64
C SER A 117 -24.03 -13.52 -2.91
N LEU A 118 -23.24 -12.80 -3.70
CA LEU A 118 -21.86 -13.16 -3.99
C LEU A 118 -20.94 -12.08 -3.43
N THR A 119 -19.71 -12.48 -3.12
CA THR A 119 -18.73 -11.57 -2.52
C THR A 119 -18.65 -10.20 -3.19
N PRO A 120 -18.51 -10.06 -4.51
CA PRO A 120 -18.33 -8.72 -5.09
C PRO A 120 -19.60 -7.87 -5.12
N HIS A 121 -20.74 -8.39 -4.70
CA HIS A 121 -22.01 -7.66 -4.81
C HIS A 121 -22.19 -6.66 -3.66
N PHE A 122 -21.21 -5.78 -3.46
CA PHE A 122 -21.27 -4.84 -2.34
C PHE A 122 -22.39 -3.83 -2.53
N ALA A 123 -22.59 -3.34 -3.76
CA ALA A 123 -23.61 -2.33 -4.00
C ALA A 123 -25.02 -2.90 -3.79
N ARG A 124 -25.24 -4.14 -4.24
CA ARG A 124 -26.56 -4.77 -4.06
C ARG A 124 -26.89 -4.91 -2.58
N ARG A 125 -25.94 -5.41 -1.78
CA ARG A 125 -26.19 -5.62 -0.37
C ARG A 125 -26.44 -4.30 0.36
N GLN A 126 -25.68 -3.26 0.01
CA GLN A 126 -25.85 -1.98 0.68
C GLN A 126 -27.19 -1.34 0.33
N ALA A 127 -27.61 -1.46 -0.93
CA ALA A 127 -28.91 -0.92 -1.31
C ALA A 127 -30.05 -1.66 -0.60
N ILE A 128 -29.90 -2.96 -0.40
CA ILE A 128 -30.91 -3.72 0.33
C ILE A 128 -30.95 -3.29 1.79
N ARG A 129 -29.77 -3.13 2.40
CA ARG A 129 -29.71 -2.63 3.78
C ARG A 129 -30.44 -1.30 3.94
N GLU A 130 -30.30 -0.41 2.95
CA GLU A 130 -30.88 0.92 3.05
C GLU A 130 -32.34 0.97 2.64
N SER A 131 -32.83 -0.04 1.91
CA SER A 131 -34.19 0.00 1.39
C SER A 131 -35.07 -1.06 2.05
N TRP A 132 -35.43 -2.09 1.30
CA TRP A 132 -36.41 -3.05 1.80
C TRP A 132 -35.86 -4.04 2.80
N GLY A 133 -34.54 -4.13 2.95
CA GLY A 133 -33.94 -5.06 3.89
C GLY A 133 -33.58 -4.46 5.23
N GLN A 134 -34.12 -3.28 5.55
CA GLN A 134 -33.85 -2.66 6.84
C GLN A 134 -34.31 -3.54 7.98
N GLU A 135 -33.49 -3.63 9.03
CA GLU A 135 -33.90 -4.25 10.27
C GLU A 135 -34.73 -3.28 11.09
N SER A 136 -35.73 -3.82 11.80
CA SER A 136 -36.70 -2.99 12.49
C SER A 136 -37.21 -3.74 13.71
N ASN A 137 -37.96 -3.01 14.55
CA ASN A 137 -38.54 -3.57 15.76
C ASN A 137 -39.94 -3.03 16.05
N ALA A 138 -40.61 -2.48 15.03
CA ALA A 138 -41.88 -1.81 15.25
C ALA A 138 -42.96 -2.81 15.68
N GLY A 139 -43.72 -2.45 16.72
CA GLY A 139 -44.82 -3.27 17.17
C GLY A 139 -44.40 -4.62 17.71
N ASN A 140 -43.21 -4.72 18.31
CA ASN A 140 -42.66 -5.97 18.82
C ASN A 140 -42.57 -7.03 17.73
N GLN A 141 -42.45 -6.62 16.47
CA GLN A 141 -42.29 -7.52 15.34
C GLN A 141 -40.88 -7.30 14.80
N THR A 142 -39.95 -8.08 15.30
CA THR A 142 -38.55 -7.91 14.94
C THR A 142 -38.29 -8.42 13.52
N VAL A 143 -37.62 -7.59 12.71
CA VAL A 143 -37.17 -7.97 11.38
C VAL A 143 -35.65 -7.96 11.39
N VAL A 144 -35.04 -9.08 11.04
CA VAL A 144 -33.58 -9.20 11.00
C VAL A 144 -33.16 -9.64 9.59
N ARG A 145 -31.89 -9.40 9.28
CA ARG A 145 -31.37 -9.56 7.93
C ARG A 145 -30.03 -10.28 7.97
N VAL A 146 -29.87 -11.25 7.07
CA VAL A 146 -28.57 -11.90 6.84
C VAL A 146 -28.38 -12.08 5.34
N PHE A 147 -27.14 -11.94 4.89
CA PHE A 147 -26.74 -12.27 3.54
C PHE A 147 -26.00 -13.61 3.52
N LEU A 148 -26.31 -14.44 2.54
CA LEU A 148 -25.81 -15.81 2.47
C LEU A 148 -24.74 -15.88 1.39
N LEU A 149 -23.49 -16.11 1.80
CA LEU A 149 -22.36 -16.11 0.90
C LEU A 149 -21.57 -17.40 1.05
N GLY A 150 -21.00 -17.86 -0.08
CA GLY A 150 -19.96 -18.84 -0.09
C GLY A 150 -18.61 -18.20 -0.39
N GLN A 151 -17.67 -19.03 -0.80
CA GLN A 151 -16.33 -18.55 -1.14
C GLN A 151 -16.25 -18.18 -2.61
N THR A 152 -15.49 -17.13 -2.90
CA THR A 152 -15.08 -16.80 -4.26
C THR A 152 -13.57 -16.98 -4.32
N PRO A 153 -13.09 -18.20 -4.48
CA PRO A 153 -11.69 -18.50 -4.19
C PRO A 153 -10.76 -18.00 -5.28
N PRO A 154 -9.49 -17.74 -4.94
CA PRO A 154 -8.53 -17.31 -5.97
C PRO A 154 -8.30 -18.37 -7.05
N GLU A 155 -8.49 -19.65 -6.72
CA GLU A 155 -8.30 -20.71 -7.71
C GLU A 155 -9.25 -20.59 -8.88
N ASP A 156 -10.41 -19.95 -8.69
CA ASP A 156 -11.32 -19.65 -9.78
C ASP A 156 -11.10 -18.25 -10.35
N ASN A 157 -9.91 -17.68 -10.14
CA ASN A 157 -9.50 -16.38 -10.69
C ASN A 157 -10.32 -15.22 -10.16
N HIS A 158 -10.99 -15.39 -9.02
CA HIS A 158 -11.72 -14.28 -8.42
C HIS A 158 -10.74 -13.28 -7.80
N PRO A 159 -11.02 -11.98 -7.90
CA PRO A 159 -10.20 -10.99 -7.18
C PRO A 159 -10.35 -11.16 -5.68
N ASP A 160 -9.26 -10.91 -4.96
CA ASP A 160 -9.23 -11.07 -3.51
C ASP A 160 -9.94 -9.88 -2.88
N LEU A 161 -11.19 -10.09 -2.47
CA LEU A 161 -11.99 -9.07 -1.79
C LEU A 161 -12.24 -9.43 -0.33
N SER A 162 -11.37 -10.26 0.26
CA SER A 162 -11.63 -10.76 1.61
C SER A 162 -11.57 -9.66 2.65
N ASP A 163 -10.61 -8.74 2.54
CA ASP A 163 -10.50 -7.65 3.50
C ASP A 163 -11.70 -6.72 3.41
N MET A 164 -12.18 -6.45 2.20
CA MET A 164 -13.40 -5.66 2.04
C MET A 164 -14.60 -6.37 2.67
N LEU A 165 -14.70 -7.69 2.48
CA LEU A 165 -15.82 -8.43 3.04
C LEU A 165 -15.77 -8.45 4.56
N LYS A 166 -14.58 -8.55 5.15
CA LYS A 166 -14.47 -8.50 6.60
C LYS A 166 -14.85 -7.12 7.13
N PHE A 167 -14.41 -6.07 6.44
CA PHE A 167 -14.81 -4.71 6.82
C PHE A 167 -16.32 -4.55 6.76
N GLU A 168 -16.95 -5.05 5.69
CA GLU A 168 -18.41 -4.99 5.59
C GLU A 168 -19.08 -5.78 6.70
N SER A 169 -18.55 -6.97 7.01
CA SER A 169 -19.15 -7.80 8.05
C SER A 169 -19.06 -7.12 9.41
N GLU A 170 -17.88 -6.57 9.74
CA GLU A 170 -17.72 -5.87 11.01
C GLU A 170 -18.60 -4.64 11.11
N LYS A 171 -18.87 -3.99 9.97
CA LYS A 171 -19.63 -2.76 9.98
C LYS A 171 -21.13 -3.00 10.09
N HIS A 172 -21.67 -3.98 9.34
CA HIS A 172 -23.11 -4.15 9.22
C HIS A 172 -23.65 -5.37 9.94
N GLN A 173 -22.79 -6.30 10.38
CA GLN A 173 -23.20 -7.42 11.23
C GLN A 173 -24.28 -8.27 10.58
N ASP A 174 -24.18 -8.48 9.26
CA ASP A 174 -25.23 -9.24 8.58
C ASP A 174 -24.68 -10.21 7.53
N ILE A 175 -23.42 -10.61 7.61
CA ILE A 175 -22.82 -11.50 6.64
C ILE A 175 -22.70 -12.89 7.24
N LEU A 176 -23.27 -13.88 6.56
CA LEU A 176 -23.04 -15.29 6.85
C LEU A 176 -22.26 -15.88 5.68
N MET A 177 -21.09 -16.44 5.95
CA MET A 177 -20.21 -16.94 4.90
C MET A 177 -19.70 -18.33 5.27
N TRP A 178 -19.90 -19.28 4.36
CA TRP A 178 -19.47 -20.66 4.54
C TRP A 178 -18.27 -20.96 3.65
N ASN A 179 -17.54 -22.02 4.00
CA ASN A 179 -16.30 -22.37 3.31
C ASN A 179 -16.56 -23.38 2.19
N TYR A 180 -17.34 -22.96 1.20
CA TYR A 180 -17.57 -23.76 0.01
C TYR A 180 -17.56 -22.85 -1.22
N ARG A 181 -17.39 -23.47 -2.37
CA ARG A 181 -17.29 -22.76 -3.64
C ARG A 181 -18.68 -22.23 -4.03
N ASP A 182 -18.84 -20.91 -4.02
CA ASP A 182 -20.13 -20.28 -4.28
C ASP A 182 -20.38 -20.28 -5.79
N THR A 183 -21.23 -21.19 -6.24
CA THR A 183 -21.56 -21.33 -7.66
C THR A 183 -23.05 -21.55 -7.80
N PHE A 184 -23.54 -21.43 -9.04
CA PHE A 184 -24.95 -21.67 -9.31
C PHE A 184 -25.37 -23.08 -8.91
N PHE A 185 -24.55 -24.08 -9.26
CA PHE A 185 -24.90 -25.47 -8.96
C PHE A 185 -24.66 -25.83 -7.50
N ASN A 186 -24.07 -24.93 -6.70
CA ASN A 186 -23.94 -25.12 -5.27
C ASN A 186 -24.97 -24.33 -4.48
N LEU A 187 -25.99 -23.79 -5.15
CA LEU A 187 -26.99 -22.98 -4.45
C LEU A 187 -27.90 -23.84 -3.59
N SER A 188 -28.16 -25.09 -3.98
CA SER A 188 -28.91 -25.98 -3.10
C SER A 188 -28.08 -26.29 -1.86
N LEU A 189 -26.75 -26.31 -1.99
CA LEU A 189 -25.89 -26.36 -0.82
C LEU A 189 -26.03 -25.10 0.03
N LYS A 190 -26.10 -23.93 -0.61
CA LYS A 190 -26.38 -22.70 0.11
C LYS A 190 -27.70 -22.80 0.87
N GLU A 191 -28.71 -23.42 0.24
CA GLU A 191 -29.99 -23.61 0.89
C GLU A 191 -29.87 -24.48 2.14
N VAL A 192 -29.20 -25.64 2.01
CA VAL A 192 -29.10 -26.56 3.13
C VAL A 192 -28.34 -25.94 4.29
N LEU A 193 -27.21 -25.28 4.00
CA LEU A 193 -26.42 -24.67 5.06
C LEU A 193 -27.16 -23.51 5.72
N PHE A 194 -27.96 -22.76 4.96
CA PHE A 194 -28.78 -21.72 5.55
C PHE A 194 -29.84 -22.32 6.47
N LEU A 195 -30.52 -23.37 6.01
CA LEU A 195 -31.51 -24.02 6.86
C LEU A 195 -30.87 -24.60 8.11
N ARG A 196 -29.64 -25.10 8.00
CA ARG A 196 -28.91 -25.54 9.18
C ARG A 196 -28.69 -24.39 10.15
N TRP A 197 -28.30 -23.22 9.63
CA TRP A 197 -28.08 -22.06 10.49
C TRP A 197 -29.36 -21.64 11.18
N VAL A 198 -30.50 -21.70 10.46
CA VAL A 198 -31.78 -21.37 11.06
C VAL A 198 -32.08 -22.30 12.22
N SER A 199 -31.81 -23.59 12.05
CA SER A 199 -32.12 -24.55 13.09
C SER A 199 -31.25 -24.34 14.33
N THR A 200 -30.01 -23.89 14.15
CA THR A 200 -29.08 -23.73 15.26
CA THR A 200 -29.14 -23.65 15.27
C THR A 200 -29.07 -22.33 15.85
N SER A 201 -29.28 -21.30 15.04
CA SER A 201 -29.08 -19.93 15.48
C SER A 201 -30.32 -19.05 15.36
N CYS A 202 -31.35 -19.49 14.66
CA CYS A 202 -32.56 -18.67 14.58
C CYS A 202 -33.80 -19.55 14.51
N PRO A 203 -33.96 -20.54 15.40
CA PRO A 203 -35.05 -21.52 15.23
C PRO A 203 -36.43 -20.97 15.57
N ASP A 204 -36.52 -19.82 16.23
CA ASP A 204 -37.79 -19.32 16.72
C ASP A 204 -38.35 -18.19 15.87
N THR A 205 -37.73 -17.88 14.74
CA THR A 205 -38.28 -16.86 13.86
C THR A 205 -39.64 -17.32 13.33
N GLU A 206 -40.61 -16.40 13.35
CA GLU A 206 -41.97 -16.77 12.98
C GLU A 206 -42.07 -17.06 11.49
N PHE A 207 -41.41 -16.25 10.67
CA PHE A 207 -41.45 -16.44 9.22
C PHE A 207 -40.06 -16.19 8.65
N VAL A 208 -39.85 -16.70 7.44
CA VAL A 208 -38.59 -16.55 6.73
C VAL A 208 -38.90 -16.12 5.30
N PHE A 209 -38.17 -15.11 4.83
CA PHE A 209 -38.13 -14.76 3.42
C PHE A 209 -36.74 -15.06 2.89
N LYS A 210 -36.66 -15.89 1.85
CA LYS A 210 -35.41 -16.16 1.15
C LYS A 210 -35.53 -15.63 -0.27
N GLY A 211 -34.58 -14.80 -0.68
CA GLY A 211 -34.66 -14.17 -1.99
C GLY A 211 -33.29 -13.83 -2.52
N ASP A 212 -33.28 -13.27 -3.73
CA ASP A 212 -32.06 -12.90 -4.42
C ASP A 212 -31.72 -11.44 -4.15
N ASP A 213 -30.45 -11.09 -4.39
CA ASP A 213 -29.99 -9.74 -4.14
C ASP A 213 -30.18 -8.81 -5.34
N ASP A 214 -30.98 -9.22 -6.32
CA ASP A 214 -31.29 -8.37 -7.47
C ASP A 214 -32.78 -8.15 -7.64
N VAL A 215 -33.58 -8.41 -6.61
CA VAL A 215 -35.01 -8.22 -6.66
C VAL A 215 -35.39 -7.10 -5.69
N PHE A 216 -36.45 -6.38 -6.04
CA PHE A 216 -37.09 -5.46 -5.11
C PHE A 216 -38.21 -6.20 -4.38
N VAL A 217 -38.27 -6.02 -3.07
CA VAL A 217 -39.25 -6.70 -2.24
C VAL A 217 -40.07 -5.63 -1.52
N ASN A 218 -41.39 -5.73 -1.65
CA ASN A 218 -42.30 -4.85 -0.90
C ASN A 218 -42.45 -5.46 0.48
N THR A 219 -41.54 -5.10 1.38
CA THR A 219 -41.54 -5.69 2.71
C THR A 219 -42.78 -5.29 3.51
N HIS A 220 -43.30 -4.09 3.27
CA HIS A 220 -44.56 -3.68 3.89
C HIS A 220 -45.69 -4.60 3.46
N HIS A 221 -45.77 -4.89 2.16
CA HIS A 221 -46.81 -5.79 1.66
C HIS A 221 -46.68 -7.18 2.28
N ILE A 222 -45.45 -7.66 2.44
CA ILE A 222 -45.23 -8.97 3.05
C ILE A 222 -45.67 -8.96 4.52
N LEU A 223 -45.31 -7.92 5.25
CA LEU A 223 -45.69 -7.83 6.66
C LEU A 223 -47.20 -7.77 6.83
N ASN A 224 -47.88 -6.97 6.00
CA ASN A 224 -49.33 -6.92 6.06
C ASN A 224 -49.95 -8.27 5.72
N TYR A 225 -49.36 -8.97 4.75
CA TYR A 225 -49.85 -10.29 4.39
C TYR A 225 -49.68 -11.29 5.52
N LEU A 226 -48.48 -11.31 6.14
CA LEU A 226 -48.22 -12.25 7.22
C LEU A 226 -49.15 -12.00 8.41
N ASN A 227 -49.39 -10.73 8.74
CA ASN A 227 -50.27 -10.40 9.85
C ASN A 227 -51.73 -10.70 9.57
N SER A 228 -52.10 -10.87 8.30
CA SER A 228 -53.48 -11.17 7.91
C SER A 228 -53.76 -12.67 7.83
N LEU A 229 -52.76 -13.51 8.09
CA LEU A 229 -52.94 -14.94 7.94
C LEU A 229 -53.58 -15.54 9.18
N SER A 230 -54.57 -16.41 8.97
CA SER A 230 -55.06 -17.25 10.04
C SER A 230 -53.95 -18.19 10.49
N LYS A 231 -54.06 -18.69 11.73
CA LYS A 231 -53.05 -19.60 12.26
C LYS A 231 -52.96 -20.88 11.44
N THR A 232 -54.08 -21.32 10.86
CA THR A 232 -54.08 -22.55 10.06
C THR A 232 -53.15 -22.42 8.86
N LYS A 233 -53.34 -21.38 8.05
CA LYS A 233 -52.49 -21.23 6.87
C LYS A 233 -51.06 -20.83 7.26
N ALA A 234 -50.90 -20.12 8.39
CA ALA A 234 -49.58 -19.62 8.77
C ALA A 234 -48.65 -20.71 9.27
N LYS A 235 -49.19 -21.84 9.74
CA LYS A 235 -48.34 -22.87 10.33
C LYS A 235 -47.40 -23.49 9.31
N ASP A 236 -47.90 -23.78 8.11
CA ASP A 236 -47.12 -24.42 7.05
C ASP A 236 -47.10 -23.55 5.79
N LEU A 237 -47.05 -22.24 5.97
CA LEU A 237 -47.01 -21.31 4.84
C LEU A 237 -45.79 -21.56 3.98
N PHE A 238 -46.01 -21.63 2.67
CA PHE A 238 -44.92 -21.56 1.69
C PHE A 238 -45.53 -21.05 0.39
N ILE A 239 -45.20 -19.81 0.01
CA ILE A 239 -45.78 -19.18 -1.16
C ILE A 239 -44.68 -18.56 -2.01
N GLY A 240 -45.00 -18.37 -3.28
CA GLY A 240 -44.06 -17.79 -4.22
C GLY A 240 -44.66 -17.87 -5.62
N ASP A 241 -43.79 -17.77 -6.62
CA ASP A 241 -44.20 -17.98 -8.00
C ASP A 241 -44.06 -19.48 -8.28
N VAL A 242 -45.13 -20.22 -7.99
CA VAL A 242 -45.10 -21.68 -8.07
C VAL A 242 -45.53 -22.09 -9.47
N ILE A 243 -44.75 -22.99 -10.07
CA ILE A 243 -45.06 -23.56 -11.38
C ILE A 243 -45.25 -25.05 -11.22
N HIS A 244 -46.30 -25.58 -11.86
CA HIS A 244 -46.60 -27.00 -11.80
C HIS A 244 -46.22 -27.69 -13.11
N ASN A 245 -45.84 -28.96 -12.99
CA ASN A 245 -45.55 -29.83 -14.13
C ASN A 245 -44.42 -29.29 -15.01
N ALA A 246 -43.52 -28.52 -14.42
CA ALA A 246 -42.33 -28.09 -15.15
C ALA A 246 -41.35 -29.25 -15.29
N GLY A 247 -40.50 -29.16 -16.30
CA GLY A 247 -39.52 -30.18 -16.57
C GLY A 247 -38.13 -29.61 -16.75
N PRO A 248 -37.11 -30.47 -16.72
CA PRO A 248 -35.74 -29.98 -16.90
C PRO A 248 -35.50 -29.55 -18.35
N HIS A 249 -34.82 -28.43 -18.50
CA HIS A 249 -34.48 -27.92 -19.83
C HIS A 249 -33.42 -28.80 -20.46
N ARG A 250 -33.70 -29.32 -21.65
CA ARG A 250 -32.78 -30.15 -22.39
C ARG A 250 -31.97 -29.37 -23.42
N ASP A 251 -32.23 -28.07 -23.58
CA ASP A 251 -31.49 -27.24 -24.51
C ASP A 251 -30.14 -26.89 -23.89
N LYS A 252 -29.05 -27.37 -24.52
CA LYS A 252 -27.72 -27.19 -23.96
C LYS A 252 -27.32 -25.71 -23.85
N LYS A 253 -28.02 -24.81 -24.55
CA LYS A 253 -27.66 -23.41 -24.54
C LYS A 253 -28.32 -22.63 -23.40
N LEU A 254 -29.26 -23.24 -22.68
CA LEU A 254 -29.98 -22.53 -21.64
C LEU A 254 -29.20 -22.52 -20.33
N LYS A 255 -29.50 -21.53 -19.50
CA LYS A 255 -28.80 -21.37 -18.23
C LYS A 255 -29.06 -22.54 -17.30
N TYR A 256 -30.30 -23.03 -17.28
CA TYR A 256 -30.70 -24.11 -16.38
C TYR A 256 -30.87 -25.43 -17.11
N TYR A 257 -30.03 -25.67 -18.13
CA TYR A 257 -30.02 -26.94 -18.84
C TYR A 257 -29.66 -28.09 -17.91
N ILE A 258 -30.37 -29.21 -18.06
CA ILE A 258 -30.10 -30.41 -17.28
C ILE A 258 -30.08 -31.60 -18.24
N PRO A 259 -28.99 -32.36 -18.32
CA PRO A 259 -28.93 -33.49 -19.24
C PRO A 259 -29.85 -34.62 -18.81
N GLU A 260 -30.22 -35.45 -19.80
CA GLU A 260 -31.06 -36.61 -19.52
C GLU A 260 -30.36 -37.61 -18.61
N VAL A 261 -29.02 -37.66 -18.67
CA VAL A 261 -28.28 -38.58 -17.82
C VAL A 261 -28.26 -38.13 -16.37
N VAL A 262 -28.58 -36.87 -16.10
CA VAL A 262 -28.56 -36.34 -14.74
C VAL A 262 -29.93 -36.48 -14.08
N TYR A 263 -30.99 -36.05 -14.75
CA TYR A 263 -32.33 -36.07 -14.17
C TYR A 263 -33.34 -36.43 -15.24
N SER A 264 -34.24 -37.35 -14.90
CA SER A 264 -35.33 -37.76 -15.78
C SER A 264 -36.66 -37.46 -15.11
N GLY A 265 -37.69 -37.32 -15.94
CA GLY A 265 -39.02 -37.05 -15.43
C GLY A 265 -39.28 -35.56 -15.26
N LEU A 266 -40.29 -35.27 -14.44
CA LEU A 266 -40.75 -33.90 -14.23
C LEU A 266 -40.27 -33.38 -12.87
N TYR A 267 -40.32 -32.05 -12.74
CA TYR A 267 -40.02 -31.38 -11.49
C TYR A 267 -41.25 -31.35 -10.59
N PRO A 268 -41.06 -31.35 -9.28
CA PRO A 268 -42.18 -31.09 -8.36
C PRO A 268 -42.62 -29.65 -8.43
N PRO A 269 -43.78 -29.31 -7.89
CA PRO A 269 -44.16 -27.90 -7.79
C PRO A 269 -43.14 -27.14 -6.95
N TYR A 270 -42.69 -26.00 -7.46
CA TYR A 270 -41.65 -25.25 -6.78
C TYR A 270 -41.82 -23.76 -7.04
N ALA A 271 -41.45 -22.96 -6.06
CA ALA A 271 -41.45 -21.51 -6.20
C ALA A 271 -40.04 -21.06 -6.58
N GLY A 272 -39.94 -20.34 -7.70
CA GLY A 272 -38.67 -19.80 -8.13
C GLY A 272 -38.77 -18.37 -8.61
N GLY A 273 -37.76 -17.90 -9.32
CA GLY A 273 -37.83 -16.61 -9.97
C GLY A 273 -37.41 -15.42 -9.13
N GLY A 274 -36.93 -15.65 -7.90
CA GLY A 274 -36.37 -14.55 -7.14
C GLY A 274 -36.61 -14.55 -5.65
N GLY A 275 -37.60 -15.32 -5.19
CA GLY A 275 -37.85 -15.37 -3.76
C GLY A 275 -39.11 -16.11 -3.35
N PHE A 276 -39.16 -16.59 -2.11
CA PHE A 276 -40.37 -17.20 -1.57
C PHE A 276 -40.42 -16.95 -0.07
N LEU A 277 -41.60 -17.19 0.51
CA LEU A 277 -41.90 -16.83 1.88
C LEU A 277 -42.52 -18.03 2.59
N TYR A 278 -42.04 -18.33 3.79
CA TYR A 278 -42.50 -19.49 4.52
C TYR A 278 -42.36 -19.28 6.02
N SER A 279 -42.98 -20.17 6.79
CA SER A 279 -42.99 -20.08 8.24
C SER A 279 -41.73 -20.70 8.84
N GLY A 280 -41.37 -20.22 10.03
CA GLY A 280 -40.26 -20.81 10.75
C GLY A 280 -40.50 -22.25 11.15
N HIS A 281 -41.76 -22.60 11.42
CA HIS A 281 -42.10 -24.00 11.69
C HIS A 281 -41.74 -24.88 10.51
N LEU A 282 -42.06 -24.44 9.30
CA LEU A 282 -41.73 -25.22 8.11
C LEU A 282 -40.22 -25.24 7.86
N ALA A 283 -39.51 -24.18 8.26
CA ALA A 283 -38.06 -24.16 8.11
C ALA A 283 -37.40 -25.30 8.88
N LEU A 284 -37.89 -25.58 10.09
CA LEU A 284 -37.31 -26.68 10.87
C LEU A 284 -37.63 -28.03 10.23
N ARG A 285 -38.87 -28.21 9.77
CA ARG A 285 -39.23 -29.43 9.05
C ARG A 285 -38.43 -29.55 7.76
N LEU A 286 -38.21 -28.43 7.07
CA LEU A 286 -37.45 -28.46 5.83
C LEU A 286 -36.02 -28.92 6.07
N TYR A 287 -35.33 -28.33 7.05
CA TYR A 287 -33.95 -28.72 7.31
C TYR A 287 -33.84 -30.19 7.70
N HIS A 288 -34.76 -30.65 8.55
CA HIS A 288 -34.70 -32.04 9.01
C HIS A 288 -34.77 -33.02 7.84
N ILE A 289 -35.51 -32.69 6.79
CA ILE A 289 -35.67 -33.59 5.65
C ILE A 289 -34.56 -33.47 4.63
N THR A 290 -33.71 -32.44 4.72
CA THR A 290 -32.68 -32.23 3.70
C THR A 290 -31.73 -33.42 3.62
N ASP A 291 -31.44 -34.06 4.76
CA ASP A 291 -30.58 -35.25 4.75
C ASP A 291 -31.12 -36.34 3.85
N GLN A 292 -32.45 -36.41 3.68
CA GLN A 292 -33.08 -37.49 2.92
C GLN A 292 -33.28 -37.14 1.45
N VAL A 293 -32.79 -35.99 0.99
CA VAL A 293 -32.92 -35.58 -0.40
C VAL A 293 -31.54 -35.22 -0.92
N HIS A 294 -31.12 -35.87 -2.00
CA HIS A 294 -29.84 -35.52 -2.62
C HIS A 294 -29.89 -34.10 -3.16
N LEU A 295 -28.76 -33.41 -3.05
CA LEU A 295 -28.63 -32.06 -3.61
C LEU A 295 -28.93 -32.07 -5.10
N TYR A 296 -29.44 -30.94 -5.60
CA TYR A 296 -29.79 -30.78 -6.99
C TYR A 296 -29.18 -29.50 -7.53
N PRO A 297 -28.78 -29.47 -8.80
CA PRO A 297 -28.08 -28.30 -9.33
C PRO A 297 -28.91 -27.03 -9.34
N ILE A 298 -30.22 -27.11 -9.22
CA ILE A 298 -31.10 -25.95 -9.17
C ILE A 298 -31.69 -25.87 -7.76
N ASP A 299 -31.36 -24.78 -7.04
CA ASP A 299 -31.73 -24.71 -5.63
C ASP A 299 -33.24 -24.68 -5.44
N ASP A 300 -33.95 -23.95 -6.29
CA ASP A 300 -35.40 -23.84 -6.13
C ASP A 300 -36.10 -25.16 -6.41
N VAL A 301 -35.55 -25.98 -7.29
CA VAL A 301 -36.10 -27.32 -7.51
C VAL A 301 -35.81 -28.21 -6.31
N TYR A 302 -34.65 -28.05 -5.69
CA TYR A 302 -34.32 -28.84 -4.51
C TYR A 302 -35.27 -28.53 -3.36
N THR A 303 -35.60 -27.25 -3.17
CA THR A 303 -36.55 -26.88 -2.12
C THR A 303 -37.92 -27.50 -2.38
N GLY A 304 -38.36 -27.49 -3.64
CA GLY A 304 -39.62 -28.14 -3.98
C GLY A 304 -39.60 -29.63 -3.71
N MET A 305 -38.46 -30.27 -3.93
CA MET A 305 -38.33 -31.69 -3.61
C MET A 305 -38.47 -31.93 -2.11
N CYS A 306 -37.86 -31.07 -1.30
CA CYS A 306 -37.97 -31.20 0.15
C CYS A 306 -39.42 -31.01 0.60
N LEU A 307 -40.11 -30.01 0.03
CA LEU A 307 -41.52 -29.82 0.35
C LEU A 307 -42.36 -31.02 -0.06
N GLN A 308 -42.11 -31.57 -1.25
CA GLN A 308 -42.88 -32.72 -1.71
C GLN A 308 -42.63 -33.95 -0.85
N LYS A 309 -41.40 -34.12 -0.35
CA LYS A 309 -41.12 -35.24 0.54
C LYS A 309 -41.82 -35.06 1.88
N LEU A 310 -42.08 -33.81 2.29
CA LEU A 310 -42.84 -33.56 3.50
C LEU A 310 -44.34 -33.75 3.30
N GLY A 311 -44.80 -33.94 2.08
CA GLY A 311 -46.22 -34.01 1.80
C GLY A 311 -46.90 -32.67 1.67
N LEU A 312 -46.16 -31.61 1.35
CA LEU A 312 -46.72 -30.27 1.23
C LEU A 312 -46.61 -29.78 -0.21
N VAL A 313 -47.52 -28.89 -0.58
CA VAL A 313 -47.57 -28.31 -1.91
C VAL A 313 -47.46 -26.79 -1.78
N PRO A 314 -46.43 -26.16 -2.31
CA PRO A 314 -46.32 -24.70 -2.22
C PRO A 314 -47.41 -24.02 -3.06
N GLU A 315 -47.87 -22.87 -2.56
CA GLU A 315 -49.00 -22.17 -3.16
C GLU A 315 -48.49 -20.96 -3.95
N LYS A 316 -49.00 -20.81 -5.17
CA LYS A 316 -48.64 -19.66 -5.98
C LYS A 316 -49.35 -18.40 -5.49
N HIS A 317 -48.61 -17.30 -5.42
CA HIS A 317 -49.14 -15.99 -5.09
C HIS A 317 -48.79 -15.04 -6.22
N LYS A 318 -49.81 -14.38 -6.79
CA LYS A 318 -49.63 -13.56 -7.97
C LYS A 318 -48.73 -12.36 -7.75
N GLY A 319 -48.46 -11.99 -6.49
CA GLY A 319 -47.62 -10.84 -6.19
C GLY A 319 -46.15 -11.05 -6.48
N PHE A 320 -45.72 -12.29 -6.72
CA PHE A 320 -44.33 -12.59 -7.05
C PHE A 320 -44.17 -12.44 -8.55
N ARG A 321 -43.75 -11.24 -8.96
CA ARG A 321 -43.64 -10.90 -10.39
C ARG A 321 -42.22 -11.19 -10.85
N THR A 322 -41.97 -12.48 -11.10
CA THR A 322 -40.63 -12.93 -11.46
C THR A 322 -40.26 -12.54 -12.90
N PHE A 323 -41.25 -12.18 -13.73
CA PHE A 323 -40.98 -11.71 -15.08
C PHE A 323 -41.21 -10.20 -15.20
N ASP A 324 -41.01 -9.49 -14.09
CA ASP A 324 -41.14 -8.04 -14.03
C ASP A 324 -42.57 -7.59 -14.29
N ILE A 325 -42.80 -6.28 -14.27
CA ILE A 325 -44.10 -5.73 -14.61
C ILE A 325 -44.05 -5.15 -16.01
N GLU A 326 -45.15 -4.61 -16.50
CA GLU A 326 -45.18 -4.07 -17.85
C GLU A 326 -44.24 -2.88 -17.99
N GLU A 327 -43.94 -2.51 -19.24
CA GLU A 327 -42.91 -1.52 -19.50
C GLU A 327 -43.35 -0.15 -19.00
N LYS A 328 -44.47 0.35 -19.53
CA LYS A 328 -45.02 1.64 -19.13
C LYS A 328 -45.21 1.81 -17.62
N ASN A 329 -45.32 0.72 -16.86
CA ASN A 329 -45.63 0.83 -15.44
C ASN A 329 -44.40 0.80 -14.54
N LYS A 330 -43.19 0.76 -15.12
CA LYS A 330 -41.99 0.62 -14.29
C LYS A 330 -41.79 1.84 -13.39
N ASN A 331 -42.11 3.03 -13.89
CA ASN A 331 -41.94 4.26 -13.12
C ASN A 331 -43.24 4.76 -12.50
N ASN A 332 -44.21 3.87 -12.32
CA ASN A 332 -45.45 4.17 -11.61
C ASN A 332 -45.39 3.46 -10.27
N ILE A 333 -45.25 4.23 -9.19
CA ILE A 333 -45.05 3.64 -7.87
C ILE A 333 -46.25 2.81 -7.44
N CYS A 334 -47.45 3.18 -7.88
CA CYS A 334 -48.64 2.43 -7.51
C CYS A 334 -48.66 1.03 -8.10
N SER A 335 -47.84 0.76 -9.12
CA SER A 335 -47.71 -0.59 -9.64
C SER A 335 -46.92 -1.51 -8.73
N TYR A 336 -46.25 -0.96 -7.72
CA TYR A 336 -45.51 -1.75 -6.74
C TYR A 336 -46.27 -1.96 -5.44
N VAL A 337 -47.43 -1.30 -5.28
CA VAL A 337 -48.16 -1.37 -4.01
C VAL A 337 -48.76 -2.75 -3.81
N ASP A 338 -49.24 -3.38 -4.88
CA ASP A 338 -50.02 -4.61 -4.79
C ASP A 338 -49.22 -5.84 -5.17
N LEU A 339 -47.94 -5.92 -4.82
CA LEU A 339 -47.13 -7.10 -5.13
C LEU A 339 -46.13 -7.36 -4.02
N MET A 340 -45.55 -8.56 -4.06
CA MET A 340 -44.57 -9.00 -3.07
C MET A 340 -43.14 -8.69 -3.50
N LEU A 341 -42.79 -8.99 -4.75
CA LEU A 341 -41.45 -8.70 -5.24
C LEU A 341 -41.46 -8.58 -6.75
N VAL A 342 -40.44 -7.93 -7.28
CA VAL A 342 -40.24 -7.76 -8.72
C VAL A 342 -38.81 -8.14 -9.07
N HIS A 343 -38.65 -8.89 -10.15
CA HIS A 343 -37.35 -9.26 -10.69
C HIS A 343 -37.23 -8.69 -12.10
N SER A 344 -36.16 -7.94 -12.37
CA SER A 344 -35.13 -7.61 -11.38
C SER A 344 -34.89 -6.11 -11.35
N ARG A 345 -34.16 -5.65 -10.33
CA ARG A 345 -33.89 -4.23 -10.16
C ARG A 345 -32.44 -4.02 -9.72
N LYS A 346 -31.85 -2.93 -10.19
CA LYS A 346 -30.49 -2.55 -9.82
C LYS A 346 -30.47 -1.83 -8.48
N PRO A 347 -29.29 -1.73 -7.84
CA PRO A 347 -29.22 -1.08 -6.52
C PRO A 347 -29.85 0.31 -6.47
N GLN A 348 -29.55 1.17 -7.45
CA GLN A 348 -30.13 2.51 -7.45
C GLN A 348 -31.65 2.46 -7.56
N GLU A 349 -32.16 1.54 -8.38
CA GLU A 349 -33.61 1.41 -8.55
C GLU A 349 -34.27 0.94 -7.26
N MET A 350 -33.60 0.06 -6.50
CA MET A 350 -34.17 -0.41 -5.24
C MET A 350 -34.40 0.73 -4.27
N ILE A 351 -33.39 1.60 -4.13
CA ILE A 351 -33.51 2.74 -3.22
C ILE A 351 -34.56 3.73 -3.73
N ASP A 352 -34.64 3.91 -5.04
CA ASP A 352 -35.59 4.86 -5.61
C ASP A 352 -37.02 4.39 -5.41
N ILE A 353 -37.28 3.11 -5.68
CA ILE A 353 -38.64 2.58 -5.51
C ILE A 353 -39.03 2.60 -4.04
N TRP A 354 -38.11 2.18 -3.17
CA TRP A 354 -38.41 2.16 -1.74
C TRP A 354 -38.69 3.55 -1.20
N SER A 355 -37.96 4.56 -1.70
CA SER A 355 -38.20 5.93 -1.25
C SER A 355 -39.60 6.40 -1.62
N GLN A 356 -40.01 6.17 -2.87
CA GLN A 356 -41.34 6.56 -3.30
C GLN A 356 -42.42 5.73 -2.60
N LEU A 357 -42.09 4.48 -2.25
CA LEU A 357 -43.09 3.60 -1.62
C LEU A 357 -43.51 4.11 -0.25
N GLN A 358 -42.64 4.85 0.44
CA GLN A 358 -42.96 5.34 1.77
C GLN A 358 -44.08 6.36 1.77
N SER A 359 -44.50 6.85 0.61
CA SER A 359 -45.61 7.80 0.54
C SER A 359 -46.52 7.47 -0.65
N GLU B 23 -26.54 26.91 -35.38
CA GLU B 23 -27.87 26.46 -34.99
C GLU B 23 -27.82 25.51 -33.81
N ALA B 24 -26.82 24.64 -33.79
CA ALA B 24 -26.61 23.75 -32.66
C ALA B 24 -25.99 24.50 -31.49
N TYR B 25 -26.43 24.16 -30.28
CA TYR B 25 -26.03 24.93 -29.11
C TYR B 25 -24.53 24.84 -28.85
N TRP B 26 -24.00 23.61 -28.80
CA TRP B 26 -22.57 23.45 -28.51
C TRP B 26 -21.71 24.16 -29.54
N ASN B 27 -22.09 24.06 -30.82
CA ASN B 27 -21.30 24.69 -31.88
C ASN B 27 -21.31 26.21 -31.74
N ARG B 28 -22.47 26.81 -31.45
CA ARG B 28 -22.51 28.26 -31.28
C ARG B 28 -21.68 28.70 -30.09
N GLU B 29 -21.78 27.97 -28.97
CA GLU B 29 -21.04 28.35 -27.78
C GLU B 29 -19.55 28.15 -27.95
N GLN B 30 -19.14 27.11 -28.70
CA GLN B 30 -17.72 26.92 -28.97
C GLN B 30 -17.20 28.03 -29.87
N GLU B 31 -18.04 28.50 -30.80
CA GLU B 31 -17.67 29.63 -31.64
C GLU B 31 -17.45 30.90 -30.82
N LYS B 32 -18.31 31.14 -29.83
CA LYS B 32 -18.05 32.25 -28.91
C LYS B 32 -16.73 32.07 -28.19
N LEU B 33 -16.43 30.85 -27.74
CA LEU B 33 -15.19 30.60 -27.03
C LEU B 33 -13.98 30.84 -27.92
N ASN B 34 -14.05 30.40 -29.18
CA ASN B 34 -12.95 30.63 -30.11
C ASN B 34 -12.67 32.11 -30.30
N ARG B 35 -13.73 32.92 -30.37
CA ARG B 35 -13.55 34.36 -30.52
C ARG B 35 -12.83 34.96 -29.31
N GLN B 36 -13.12 34.45 -28.11
CA GLN B 36 -12.47 34.99 -26.92
C GLN B 36 -10.97 34.68 -26.93
N TYR B 37 -10.59 33.47 -27.34
CA TYR B 37 -9.21 33.03 -27.30
C TYR B 37 -8.42 33.32 -28.57
N ASN B 38 -9.06 33.81 -29.63
CA ASN B 38 -8.41 34.07 -30.91
C ASN B 38 -8.70 35.49 -31.41
N PRO B 39 -7.89 36.47 -31.00
CA PRO B 39 -8.14 37.85 -31.45
C PRO B 39 -8.12 38.02 -32.96
N ILE B 40 -7.55 37.07 -33.71
CA ILE B 40 -7.54 37.18 -35.17
C ILE B 40 -8.95 37.09 -35.75
N LEU B 41 -9.90 36.50 -35.01
CA LEU B 41 -11.27 36.38 -35.49
C LEU B 41 -12.10 37.63 -35.28
N SER B 42 -11.52 38.71 -34.76
CA SER B 42 -12.27 39.94 -34.54
C SER B 42 -12.06 40.91 -35.70
N ILE B 57 -20.00 36.59 -17.92
CA ILE B 57 -20.26 35.31 -17.27
C ILE B 57 -19.23 34.27 -17.69
N SER B 58 -18.48 33.78 -16.72
CA SER B 58 -17.41 32.83 -16.99
C SER B 58 -17.98 31.51 -17.52
N HIS B 59 -17.14 30.78 -18.24
CA HIS B 59 -17.47 29.46 -18.74
C HIS B 59 -16.71 28.36 -18.03
N LEU B 60 -15.94 28.71 -17.00
CA LEU B 60 -15.10 27.77 -16.27
C LEU B 60 -15.49 27.60 -14.81
N ASN B 61 -16.04 28.63 -14.17
CA ASN B 61 -16.37 28.52 -12.75
C ASN B 61 -17.72 29.14 -12.41
N TYR B 62 -18.63 29.26 -13.37
CA TYR B 62 -20.02 29.62 -13.09
C TYR B 62 -20.77 28.34 -12.77
N CYS B 63 -21.11 28.14 -11.50
CA CYS B 63 -21.66 26.88 -11.03
C CYS B 63 -23.10 26.99 -10.57
N GLU B 64 -23.76 28.10 -10.85
CA GLU B 64 -25.20 28.21 -10.74
C GLU B 64 -25.85 27.70 -12.03
N PRO B 65 -27.13 27.34 -11.99
CA PRO B 65 -27.79 26.89 -13.23
C PRO B 65 -27.80 27.98 -14.28
N ASP B 66 -27.43 27.61 -15.52
CA ASP B 66 -27.45 28.54 -16.65
C ASP B 66 -28.89 28.61 -17.16
N LEU B 67 -29.69 29.42 -16.47
CA LEU B 67 -31.12 29.50 -16.75
C LEU B 67 -31.41 30.02 -18.16
N ARG B 68 -30.43 30.62 -18.83
CA ARG B 68 -30.64 31.11 -20.18
C ARG B 68 -30.89 29.98 -21.18
N VAL B 69 -30.31 28.80 -20.93
CA VAL B 69 -30.39 27.71 -21.91
C VAL B 69 -31.82 27.22 -22.11
N THR B 70 -32.70 27.39 -21.11
CA THR B 70 -34.05 26.89 -21.24
C THR B 70 -34.88 27.64 -22.28
N SER B 71 -34.41 28.81 -22.72
CA SER B 71 -35.08 29.56 -23.78
C SER B 71 -34.31 29.56 -25.09
N VAL B 72 -32.99 29.42 -25.05
CA VAL B 72 -32.19 29.46 -26.27
C VAL B 72 -32.17 28.10 -26.95
N VAL B 73 -32.34 27.02 -26.18
CA VAL B 73 -32.37 25.67 -26.74
C VAL B 73 -33.83 25.31 -27.00
N THR B 74 -34.19 25.21 -28.28
CA THR B 74 -35.56 24.89 -28.64
C THR B 74 -35.88 23.44 -28.27
N GLY B 75 -37.04 23.24 -27.65
CA GLY B 75 -37.38 21.91 -27.19
C GLY B 75 -36.62 21.47 -25.95
N PHE B 76 -36.08 22.42 -25.17
CA PHE B 76 -35.29 22.07 -24.00
C PHE B 76 -36.08 21.22 -23.01
N ASN B 77 -37.34 21.55 -22.78
CA ASN B 77 -38.13 20.85 -21.77
C ASN B 77 -38.36 19.39 -22.14
N ASN B 78 -38.34 19.07 -23.43
CA ASN B 78 -38.56 17.70 -23.87
C ASN B 78 -37.28 16.90 -24.02
N LEU B 79 -36.12 17.48 -23.69
CA LEU B 79 -34.88 16.75 -23.77
C LEU B 79 -34.72 15.82 -22.56
N PRO B 80 -34.03 14.69 -22.73
CA PRO B 80 -33.76 13.82 -21.58
C PRO B 80 -33.01 14.57 -20.48
N ASP B 81 -33.18 14.09 -19.24
CA ASP B 81 -32.64 14.80 -18.09
C ASP B 81 -31.14 14.96 -18.16
N ARG B 82 -30.43 13.99 -18.75
CA ARG B 82 -28.97 14.10 -18.83
C ARG B 82 -28.55 15.26 -19.71
N PHE B 83 -29.32 15.59 -20.75
CA PHE B 83 -29.00 16.76 -21.56
C PHE B 83 -29.36 18.06 -20.83
N LYS B 84 -30.47 18.07 -20.09
CA LYS B 84 -30.80 19.24 -19.28
C LYS B 84 -29.70 19.54 -18.28
N ASP B 85 -29.23 18.51 -17.56
CA ASP B 85 -28.17 18.70 -16.58
C ASP B 85 -26.88 19.13 -17.27
N PHE B 86 -26.58 18.56 -18.44
CA PHE B 86 -25.37 18.94 -19.16
C PHE B 86 -25.41 20.42 -19.56
N LEU B 87 -26.54 20.86 -20.11
CA LEU B 87 -26.63 22.24 -20.59
C LEU B 87 -26.69 23.24 -19.44
N LEU B 88 -27.38 22.88 -18.35
CA LEU B 88 -27.57 23.82 -17.25
C LEU B 88 -26.28 24.09 -16.49
N TYR B 89 -25.36 23.13 -16.44
CA TYR B 89 -24.15 23.25 -15.64
C TYR B 89 -22.88 23.15 -16.48
N LEU B 90 -22.98 23.47 -17.77
CA LEU B 90 -21.83 23.37 -18.68
C LEU B 90 -20.68 24.27 -18.24
N ARG B 91 -20.97 25.42 -17.63
CA ARG B 91 -19.96 26.44 -17.36
C ARG B 91 -19.26 26.25 -16.02
N CYS B 92 -19.42 25.10 -15.37
CA CYS B 92 -18.78 24.82 -14.10
C CYS B 92 -17.81 23.66 -14.28
N ARG B 93 -16.55 23.86 -13.91
CA ARG B 93 -15.61 22.76 -13.92
C ARG B 93 -14.54 22.87 -12.83
N ASN B 94 -14.69 23.76 -11.85
CA ASN B 94 -13.73 23.90 -10.77
C ASN B 94 -14.18 23.08 -9.55
N TYR B 95 -14.16 21.77 -9.75
CA TYR B 95 -14.52 20.83 -8.69
C TYR B 95 -13.28 20.41 -7.91
N SER B 96 -13.49 20.11 -6.64
CA SER B 96 -12.39 19.86 -5.71
C SER B 96 -12.08 18.37 -5.62
N LEU B 97 -10.83 18.08 -5.26
CA LEU B 97 -10.37 16.71 -5.07
C LEU B 97 -10.65 16.28 -3.64
N LEU B 98 -11.53 15.28 -3.48
CA LEU B 98 -11.89 14.80 -2.14
C LEU B 98 -10.94 13.72 -1.64
N ILE B 99 -10.49 12.84 -2.51
CA ILE B 99 -9.49 11.82 -2.18
C ILE B 99 -8.34 11.98 -3.14
N ASP B 100 -7.16 12.28 -2.62
CA ASP B 100 -5.98 12.52 -3.42
C ASP B 100 -4.90 11.50 -3.06
N GLN B 101 -4.01 11.26 -4.01
CA GLN B 101 -2.77 10.51 -3.79
C GLN B 101 -1.64 11.43 -4.23
N PRO B 102 -1.32 12.46 -3.44
CA PRO B 102 -0.39 13.50 -3.91
C PRO B 102 1.02 13.00 -4.11
N ASP B 103 1.38 11.85 -3.52
CA ASP B 103 2.71 11.29 -3.64
C ASP B 103 2.74 10.09 -4.58
N LYS B 104 1.69 9.95 -5.41
CA LYS B 104 1.63 8.85 -6.37
C LYS B 104 2.84 8.84 -7.29
N CYS B 105 3.31 10.02 -7.68
CA CYS B 105 4.43 10.15 -8.61
C CYS B 105 5.65 10.77 -7.93
N ALA B 106 5.87 10.43 -6.66
CA ALA B 106 7.06 10.90 -5.96
C ALA B 106 8.32 10.44 -6.66
N LYS B 107 8.31 9.22 -7.21
CA LYS B 107 9.34 8.77 -8.12
C LYS B 107 8.81 8.92 -9.54
N LYS B 108 9.61 9.52 -10.42
CA LYS B 108 9.23 9.79 -11.80
C LYS B 108 8.73 8.53 -12.48
N PRO B 109 7.44 8.45 -12.79
CA PRO B 109 6.91 7.25 -13.44
C PRO B 109 7.30 7.20 -14.91
N PHE B 110 7.54 5.98 -15.39
CA PHE B 110 7.65 5.78 -16.83
C PHE B 110 6.26 5.70 -17.47
N LEU B 111 5.30 5.08 -16.78
CA LEU B 111 3.95 4.91 -17.30
C LEU B 111 2.95 5.07 -16.18
N LEU B 112 1.98 5.97 -16.37
CA LEU B 112 0.89 6.18 -15.44
C LEU B 112 -0.36 5.50 -15.97
N LEU B 113 -0.92 4.58 -15.20
CA LEU B 113 -2.19 3.93 -15.53
C LEU B 113 -3.32 4.68 -14.83
N ALA B 114 -4.23 5.23 -15.62
CA ALA B 114 -5.38 5.98 -15.10
C ALA B 114 -6.64 5.30 -15.62
N ILE B 115 -7.41 4.72 -14.71
CA ILE B 115 -8.54 3.87 -15.06
C ILE B 115 -9.81 4.56 -14.57
N LYS B 116 -10.76 4.79 -15.48
CA LYS B 116 -12.04 5.37 -15.13
C LYS B 116 -12.90 4.31 -14.45
N SER B 117 -13.51 4.66 -13.32
CA SER B 117 -14.29 3.70 -12.56
C SER B 117 -15.40 4.42 -11.82
N LEU B 118 -16.33 3.63 -11.30
CA LEU B 118 -17.42 4.10 -10.46
C LEU B 118 -17.30 3.48 -9.07
N THR B 119 -17.82 4.17 -8.07
CA THR B 119 -17.72 3.73 -6.67
C THR B 119 -18.01 2.25 -6.46
N PRO B 120 -19.13 1.68 -6.93
CA PRO B 120 -19.43 0.28 -6.59
C PRO B 120 -18.58 -0.75 -7.33
N HIS B 121 -17.69 -0.33 -8.24
CA HIS B 121 -16.92 -1.27 -9.05
C HIS B 121 -15.71 -1.80 -8.30
N PHE B 122 -15.93 -2.37 -7.10
CA PHE B 122 -14.82 -2.85 -6.29
C PHE B 122 -14.12 -4.04 -6.94
N ALA B 123 -14.89 -4.96 -7.53
CA ALA B 123 -14.30 -6.16 -8.11
C ALA B 123 -13.46 -5.82 -9.34
N ARG B 124 -13.93 -4.89 -10.16
CA ARG B 124 -13.16 -4.49 -11.34
C ARG B 124 -11.82 -3.89 -10.94
N ARG B 125 -11.82 -2.99 -9.96
CA ARG B 125 -10.58 -2.34 -9.55
C ARG B 125 -9.61 -3.35 -8.93
N GLN B 126 -10.11 -4.26 -8.11
CA GLN B 126 -9.22 -5.23 -7.46
C GLN B 126 -8.62 -6.18 -8.47
N ALA B 127 -9.41 -6.63 -9.45
CA ALA B 127 -8.88 -7.50 -10.49
C ALA B 127 -7.80 -6.80 -11.31
N ILE B 128 -7.98 -5.49 -11.56
CA ILE B 128 -6.96 -4.74 -12.28
C ILE B 128 -5.70 -4.62 -11.43
N ARG B 129 -5.85 -4.35 -10.14
CA ARG B 129 -4.70 -4.29 -9.24
C ARG B 129 -3.87 -5.58 -9.29
N GLU B 130 -4.54 -6.73 -9.32
CA GLU B 130 -3.85 -8.01 -9.25
C GLU B 130 -3.31 -8.48 -10.59
N SER B 131 -3.80 -7.94 -11.70
CA SER B 131 -3.40 -8.42 -13.01
C SER B 131 -2.56 -7.38 -13.74
N TRP B 132 -3.14 -6.76 -14.77
CA TRP B 132 -2.38 -5.88 -15.64
C TRP B 132 -2.11 -4.50 -15.04
N GLY B 133 -2.80 -4.14 -13.96
CA GLY B 133 -2.60 -2.83 -13.35
C GLY B 133 -1.64 -2.81 -12.18
N GLN B 134 -0.84 -3.87 -12.03
CA GLN B 134 0.15 -3.88 -10.95
C GLN B 134 1.12 -2.72 -11.10
N GLU B 135 1.46 -2.09 -9.98
CA GLU B 135 2.55 -1.13 -9.97
C GLU B 135 3.86 -1.90 -9.90
N SER B 136 4.87 -1.40 -10.61
CA SER B 136 6.09 -2.18 -10.77
C SER B 136 7.27 -1.26 -10.98
N ASN B 137 8.46 -1.88 -11.00
CA ASN B 137 9.71 -1.18 -11.19
C ASN B 137 10.64 -1.99 -12.09
N ASN B 140 14.21 0.03 -13.78
CA ASN B 140 14.03 1.36 -13.20
C ASN B 140 12.89 2.10 -13.89
N GLN B 141 11.93 1.33 -14.38
CA GLN B 141 10.78 1.86 -15.13
C GLN B 141 9.55 1.79 -14.23
N THR B 142 9.28 2.88 -13.53
CA THR B 142 8.19 2.91 -12.57
C THR B 142 6.84 2.95 -13.28
N VAL B 143 5.94 2.06 -12.88
CA VAL B 143 4.55 2.06 -13.33
C VAL B 143 3.67 2.33 -12.12
N VAL B 144 2.82 3.35 -12.22
CA VAL B 144 1.93 3.72 -11.13
C VAL B 144 0.49 3.67 -11.64
N ARG B 145 -0.44 3.57 -10.69
CA ARG B 145 -1.84 3.30 -10.99
C ARG B 145 -2.74 4.24 -10.20
N VAL B 146 -3.73 4.80 -10.88
CA VAL B 146 -4.78 5.59 -10.23
C VAL B 146 -6.13 5.22 -10.85
N PHE B 147 -7.16 5.18 -10.02
CA PHE B 147 -8.54 5.06 -10.48
C PHE B 147 -9.23 6.42 -10.35
N LEU B 148 -10.00 6.77 -11.38
CA LEU B 148 -10.59 8.11 -11.50
C LEU B 148 -12.07 8.01 -11.19
N LEU B 149 -12.49 8.62 -10.07
CA LEU B 149 -13.86 8.51 -9.59
C LEU B 149 -14.44 9.89 -9.33
N GLY B 150 -15.75 10.01 -9.57
CA GLY B 150 -16.57 11.07 -9.07
C GLY B 150 -17.44 10.63 -7.92
N GLN B 151 -18.48 11.41 -7.65
CA GLN B 151 -19.42 11.09 -6.59
C GLN B 151 -20.58 10.26 -7.12
N THR B 152 -21.04 9.31 -6.31
CA THR B 152 -22.31 8.61 -6.52
C THR B 152 -23.20 9.01 -5.35
N PRO B 153 -23.83 10.19 -5.42
CA PRO B 153 -24.41 10.81 -4.23
C PRO B 153 -25.70 10.13 -3.81
N PRO B 154 -26.06 10.22 -2.53
CA PRO B 154 -27.34 9.64 -2.08
C PRO B 154 -28.55 10.31 -2.70
N GLU B 155 -28.45 11.59 -3.08
CA GLU B 155 -29.59 12.29 -3.69
C GLU B 155 -29.99 11.65 -5.00
N ASP B 156 -29.08 10.96 -5.67
CA ASP B 156 -29.38 10.19 -6.88
C ASP B 156 -29.69 8.73 -6.58
N ASN B 157 -30.07 8.41 -5.34
CA ASN B 157 -30.49 7.07 -4.92
C ASN B 157 -29.37 6.05 -4.96
N HIS B 158 -28.11 6.50 -4.98
CA HIS B 158 -27.00 5.56 -4.93
C HIS B 158 -26.86 5.00 -3.52
N PRO B 159 -26.50 3.73 -3.38
CA PRO B 159 -26.18 3.20 -2.04
C PRO B 159 -24.94 3.86 -1.47
N ASP B 160 -24.95 4.05 -0.15
CA ASP B 160 -23.85 4.71 0.53
C ASP B 160 -22.70 3.73 0.67
N LEU B 161 -21.71 3.85 -0.22
CA LEU B 161 -20.50 3.03 -0.19
C LEU B 161 -19.28 3.86 0.18
N SER B 162 -19.46 5.00 0.84
CA SER B 162 -18.34 5.91 1.09
C SER B 162 -17.33 5.30 2.05
N ASP B 163 -17.80 4.62 3.10
CA ASP B 163 -16.88 4.00 4.05
C ASP B 163 -16.08 2.88 3.40
N MET B 164 -16.72 2.10 2.53
CA MET B 164 -15.98 1.08 1.78
C MET B 164 -14.92 1.71 0.90
N LEU B 165 -15.25 2.81 0.22
CA LEU B 165 -14.30 3.47 -0.66
C LEU B 165 -13.14 4.08 0.13
N LYS B 166 -13.42 4.63 1.31
CA LYS B 166 -12.35 5.17 2.14
C LYS B 166 -11.42 4.06 2.62
N PHE B 167 -12.00 2.93 3.03
CA PHE B 167 -11.18 1.77 3.39
C PHE B 167 -10.35 1.30 2.21
N GLU B 168 -10.95 1.23 1.02
CA GLU B 168 -10.21 0.84 -0.17
C GLU B 168 -9.09 1.82 -0.48
N SER B 169 -9.37 3.13 -0.34
CA SER B 169 -8.34 4.13 -0.60
C SER B 169 -7.19 4.02 0.39
N GLU B 170 -7.51 3.86 1.68
CA GLU B 170 -6.47 3.74 2.69
C GLU B 170 -5.60 2.51 2.48
N LYS B 171 -6.19 1.43 1.95
CA LYS B 171 -5.43 0.20 1.79
C LYS B 171 -4.56 0.22 0.55
N HIS B 172 -5.09 0.70 -0.59
CA HIS B 172 -4.40 0.58 -1.86
C HIS B 172 -3.84 1.89 -2.39
N GLN B 173 -4.27 3.03 -1.86
CA GLN B 173 -3.67 4.33 -2.17
C GLN B 173 -3.64 4.62 -3.67
N ASP B 174 -4.74 4.28 -4.35
CA ASP B 174 -4.81 4.48 -5.79
C ASP B 174 -6.15 5.07 -6.23
N ILE B 175 -6.87 5.72 -5.32
CA ILE B 175 -8.17 6.29 -5.61
C ILE B 175 -8.03 7.80 -5.73
N LEU B 176 -8.43 8.35 -6.88
CA LEU B 176 -8.60 9.77 -7.07
C LEU B 176 -10.09 10.05 -7.21
N MET B 177 -10.63 10.88 -6.33
CA MET B 177 -12.06 11.13 -6.29
C MET B 177 -12.33 12.63 -6.19
N TRP B 178 -13.14 13.13 -7.11
CA TRP B 178 -13.51 14.54 -7.16
C TRP B 178 -14.96 14.72 -6.74
N ASN B 179 -15.30 15.93 -6.33
CA ASN B 179 -16.62 16.22 -5.78
C ASN B 179 -17.59 16.69 -6.88
N TYR B 180 -17.83 15.80 -7.83
CA TYR B 180 -18.82 16.06 -8.86
C TYR B 180 -19.61 14.78 -9.12
N ARG B 181 -20.76 14.95 -9.76
CA ARG B 181 -21.68 13.85 -10.04
C ARG B 181 -21.13 12.98 -11.16
N ASP B 182 -20.74 11.75 -10.82
CA ASP B 182 -20.11 10.82 -11.77
C ASP B 182 -21.18 10.22 -12.66
N THR B 183 -21.28 10.70 -13.90
CA THR B 183 -22.25 10.23 -14.87
C THR B 183 -21.57 10.10 -16.23
N PHE B 184 -22.25 9.44 -17.16
CA PHE B 184 -21.71 9.29 -18.51
C PHE B 184 -21.44 10.65 -19.16
N PHE B 185 -22.38 11.57 -19.04
CA PHE B 185 -22.23 12.88 -19.68
C PHE B 185 -21.27 13.79 -18.91
N ASN B 186 -20.81 13.38 -17.74
CA ASN B 186 -19.78 14.10 -17.00
C ASN B 186 -18.40 13.48 -17.16
N LEU B 187 -18.22 12.54 -18.09
CA LEU B 187 -16.93 11.89 -18.24
C LEU B 187 -15.88 12.81 -18.84
N SER B 188 -16.28 13.77 -19.68
CA SER B 188 -15.31 14.75 -20.17
C SER B 188 -14.83 15.64 -19.03
N LEU B 189 -15.68 15.86 -18.03
CA LEU B 189 -15.23 16.50 -16.80
C LEU B 189 -14.22 15.62 -16.07
N LYS B 190 -14.46 14.32 -16.01
CA LYS B 190 -13.47 13.40 -15.46
C LYS B 190 -12.15 13.51 -16.21
N GLU B 191 -12.21 13.65 -17.54
CA GLU B 191 -11.00 13.83 -18.34
C GLU B 191 -10.28 15.12 -17.97
N VAL B 192 -11.02 16.23 -17.92
CA VAL B 192 -10.39 17.53 -17.65
C VAL B 192 -9.79 17.55 -16.25
N LEU B 193 -10.51 17.03 -15.26
CA LEU B 193 -10.00 17.03 -13.89
C LEU B 193 -8.80 16.10 -13.73
N PHE B 194 -8.77 14.98 -14.46
CA PHE B 194 -7.61 14.11 -14.43
C PHE B 194 -6.38 14.80 -15.04
N LEU B 195 -6.56 15.45 -16.19
CA LEU B 195 -5.45 16.17 -16.82
C LEU B 195 -4.94 17.28 -15.92
N ARG B 196 -5.83 17.94 -15.17
CA ARG B 196 -5.40 18.92 -14.19
C ARG B 196 -4.52 18.28 -13.12
N TRP B 197 -4.92 17.10 -12.63
CA TRP B 197 -4.13 16.41 -11.62
C TRP B 197 -2.76 16.02 -12.15
N VAL B 198 -2.69 15.61 -13.41
CA VAL B 198 -1.40 15.27 -14.01
C VAL B 198 -0.49 16.50 -14.02
N SER B 199 -1.04 17.66 -14.37
CA SER B 199 -0.22 18.87 -14.44
C SER B 199 0.25 19.30 -13.06
N THR B 200 -0.57 19.07 -12.03
CA THR B 200 -0.22 19.53 -10.69
C THR B 200 0.50 18.47 -9.85
N SER B 201 0.20 17.19 -10.06
CA SER B 201 0.69 16.14 -9.19
C SER B 201 1.51 15.07 -9.89
N CYS B 202 1.52 15.00 -11.22
CA CYS B 202 2.32 13.99 -11.90
C CYS B 202 2.86 14.50 -13.23
N PRO B 203 3.51 15.68 -13.27
CA PRO B 203 3.87 16.27 -14.57
C PRO B 203 5.05 15.58 -15.26
N ASP B 204 5.81 14.76 -14.55
CA ASP B 204 7.03 14.19 -15.09
C ASP B 204 6.89 12.74 -15.54
N THR B 205 5.68 12.19 -15.52
CA THR B 205 5.48 10.84 -16.04
C THR B 205 5.77 10.80 -17.54
N GLU B 206 6.50 9.76 -17.97
CA GLU B 206 6.92 9.70 -19.37
C GLU B 206 5.74 9.45 -20.29
N PHE B 207 4.83 8.56 -19.90
CA PHE B 207 3.67 8.21 -20.72
C PHE B 207 2.46 8.05 -19.83
N VAL B 208 1.28 8.13 -20.45
CA VAL B 208 0.01 7.99 -19.76
C VAL B 208 -0.85 7.00 -20.53
N PHE B 209 -1.45 6.04 -19.83
CA PHE B 209 -2.51 5.22 -20.37
C PHE B 209 -3.79 5.55 -19.62
N LYS B 210 -4.83 5.96 -20.36
CA LYS B 210 -6.15 6.19 -19.80
C LYS B 210 -7.11 5.18 -20.43
N GLY B 211 -7.81 4.43 -19.59
CA GLY B 211 -8.67 3.37 -20.06
C GLY B 211 -9.81 3.10 -19.11
N ASP B 212 -10.65 2.15 -19.48
CA ASP B 212 -11.84 1.77 -18.72
C ASP B 212 -11.53 0.60 -17.79
N ASP B 213 -12.39 0.41 -16.78
CA ASP B 213 -12.19 -0.65 -15.81
C ASP B 213 -12.82 -1.97 -16.21
N ASP B 214 -13.19 -2.12 -17.49
CA ASP B 214 -13.74 -3.37 -18.00
C ASP B 214 -12.95 -3.91 -19.18
N VAL B 215 -11.71 -3.44 -19.38
CA VAL B 215 -10.88 -3.91 -20.47
C VAL B 215 -9.68 -4.64 -19.90
N PHE B 216 -9.19 -5.63 -20.65
CA PHE B 216 -7.90 -6.23 -20.36
C PHE B 216 -6.82 -5.51 -21.17
N VAL B 217 -5.71 -5.22 -20.51
CA VAL B 217 -4.60 -4.49 -21.12
C VAL B 217 -3.35 -5.35 -21.03
N ASN B 218 -2.68 -5.56 -22.16
CA ASN B 218 -1.40 -6.25 -22.16
C ASN B 218 -0.34 -5.22 -21.80
N THR B 219 -0.11 -5.03 -20.49
CA THR B 219 0.82 -4.00 -20.04
C THR B 219 2.25 -4.32 -20.44
N HIS B 220 2.60 -5.60 -20.52
CA HIS B 220 3.93 -5.98 -21.03
C HIS B 220 4.12 -5.49 -22.45
N HIS B 221 3.11 -5.71 -23.31
CA HIS B 221 3.20 -5.26 -24.70
C HIS B 221 3.34 -3.74 -24.78
N ILE B 222 2.62 -3.01 -23.91
CA ILE B 222 2.71 -1.55 -23.92
C ILE B 222 4.11 -1.09 -23.54
N LEU B 223 4.69 -1.70 -22.51
CA LEU B 223 6.04 -1.31 -22.09
C LEU B 223 7.06 -1.58 -23.19
N ASN B 224 6.97 -2.75 -23.84
CA ASN B 224 7.87 -3.05 -24.94
C ASN B 224 7.69 -2.07 -26.09
N TYR B 225 6.44 -1.68 -26.37
CA TYR B 225 6.18 -0.70 -27.42
C TYR B 225 6.76 0.65 -27.07
N LEU B 226 6.54 1.11 -25.84
CA LEU B 226 7.07 2.41 -25.43
C LEU B 226 8.59 2.45 -25.49
N ASN B 227 9.24 1.36 -25.08
CA ASN B 227 10.70 1.30 -25.10
C ASN B 227 11.25 1.22 -26.53
N SER B 228 10.42 0.88 -27.50
CA SER B 228 10.83 0.80 -28.90
C SER B 228 10.67 2.11 -29.65
N LEU B 229 10.16 3.16 -28.99
CA LEU B 229 9.86 4.41 -29.66
C LEU B 229 11.09 5.29 -29.78
N SER B 230 11.26 5.89 -30.95
CA SER B 230 12.23 6.95 -31.10
C SER B 230 11.85 8.15 -30.24
N LYS B 231 12.84 8.97 -29.92
CA LYS B 231 12.57 10.17 -29.13
C LYS B 231 11.62 11.11 -29.87
N THR B 232 11.72 11.17 -31.20
CA THR B 232 10.83 12.03 -31.98
C THR B 232 9.38 11.57 -31.88
N LYS B 233 9.13 10.28 -32.13
CA LYS B 233 7.76 9.77 -32.11
C LYS B 233 7.19 9.73 -30.70
N ALA B 234 8.04 9.57 -29.68
CA ALA B 234 7.56 9.47 -28.32
C ALA B 234 7.12 10.81 -27.74
N LYS B 235 7.64 11.93 -28.26
CA LYS B 235 7.39 13.22 -27.65
C LYS B 235 5.92 13.61 -27.71
N ASP B 236 5.26 13.35 -28.83
CA ASP B 236 3.86 13.70 -29.03
C ASP B 236 3.02 12.47 -29.34
N LEU B 237 3.36 11.34 -28.72
CA LEU B 237 2.63 10.10 -28.92
C LEU B 237 1.18 10.25 -28.49
N PHE B 238 0.26 9.79 -29.35
CA PHE B 238 -1.13 9.58 -28.96
C PHE B 238 -1.70 8.53 -29.90
N ILE B 239 -1.96 7.33 -29.37
CA ILE B 239 -2.43 6.22 -30.18
C ILE B 239 -3.63 5.55 -29.52
N GLY B 240 -4.42 4.88 -30.34
CA GLY B 240 -5.59 4.18 -29.86
C GLY B 240 -6.40 3.65 -31.03
N ASP B 241 -7.68 3.39 -30.77
CA ASP B 241 -8.62 3.02 -31.82
C ASP B 241 -9.21 4.32 -32.36
N VAL B 242 -8.53 4.90 -33.35
CA VAL B 242 -8.88 6.22 -33.87
C VAL B 242 -9.85 6.05 -35.02
N ILE B 243 -10.94 6.83 -35.00
CA ILE B 243 -11.93 6.84 -36.07
C ILE B 243 -12.00 8.24 -36.66
N HIS B 244 -12.05 8.32 -37.99
CA HIS B 244 -12.15 9.58 -38.71
C HIS B 244 -13.56 9.77 -39.24
N ASN B 245 -13.98 11.04 -39.32
CA ASN B 245 -15.24 11.44 -39.95
C ASN B 245 -16.46 10.79 -39.31
N ALA B 246 -16.37 10.45 -38.02
CA ALA B 246 -17.55 9.96 -37.32
C ALA B 246 -18.52 11.10 -37.04
N GLY B 247 -19.78 10.73 -36.85
CA GLY B 247 -20.81 11.71 -36.60
C GLY B 247 -21.65 11.38 -35.39
N PRO B 248 -22.43 12.35 -34.92
CA PRO B 248 -23.28 12.10 -33.74
C PRO B 248 -24.44 11.18 -34.09
N HIS B 249 -24.72 10.25 -33.18
CA HIS B 249 -25.86 9.36 -33.35
C HIS B 249 -27.16 10.13 -33.16
N ARG B 250 -28.04 10.09 -34.17
CA ARG B 250 -29.32 10.77 -34.11
C ARG B 250 -30.46 9.87 -33.64
N ASP B 251 -30.20 8.57 -33.44
CA ASP B 251 -31.21 7.64 -32.99
C ASP B 251 -31.45 7.84 -31.49
N LYS B 252 -32.66 8.27 -31.13
CA LYS B 252 -32.96 8.62 -29.74
C LYS B 252 -32.78 7.45 -28.78
N LYS B 253 -32.77 6.22 -29.29
CA LYS B 253 -32.66 5.04 -28.46
C LYS B 253 -31.23 4.58 -28.22
N LEU B 254 -30.25 5.17 -28.90
CA LEU B 254 -28.87 4.72 -28.76
C LEU B 254 -28.21 5.36 -27.53
N LYS B 255 -27.18 4.68 -27.03
CA LYS B 255 -26.50 5.14 -25.82
C LYS B 255 -25.84 6.49 -26.02
N TYR B 256 -25.25 6.73 -27.20
CA TYR B 256 -24.54 7.96 -27.48
C TYR B 256 -25.33 8.87 -28.41
N TYR B 257 -26.65 8.85 -28.27
CA TYR B 257 -27.52 9.75 -29.02
C TYR B 257 -27.22 11.21 -28.66
N ILE B 258 -27.18 12.06 -29.69
CA ILE B 258 -26.99 13.49 -29.52
C ILE B 258 -27.98 14.21 -30.42
N PRO B 259 -28.84 15.08 -29.87
CA PRO B 259 -29.82 15.77 -30.71
C PRO B 259 -29.17 16.78 -31.64
N GLU B 260 -29.88 17.09 -32.73
CA GLU B 260 -29.36 18.07 -33.69
C GLU B 260 -29.25 19.45 -33.08
N VAL B 261 -30.08 19.77 -32.08
CA VAL B 261 -30.02 21.09 -31.45
C VAL B 261 -28.79 21.21 -30.54
N VAL B 262 -28.16 20.11 -30.17
CA VAL B 262 -27.00 20.16 -29.29
C VAL B 262 -25.70 20.24 -30.08
N TYR B 263 -25.52 19.39 -31.08
CA TYR B 263 -24.27 19.34 -31.84
C TYR B 263 -24.57 19.09 -33.31
N SER B 264 -23.93 19.86 -34.18
CA SER B 264 -24.07 19.71 -35.63
C SER B 264 -22.72 19.40 -36.25
N GLY B 265 -22.76 18.77 -37.42
CA GLY B 265 -21.55 18.44 -38.14
C GLY B 265 -20.96 17.11 -37.71
N LEU B 266 -19.69 16.93 -38.03
CA LEU B 266 -18.97 15.70 -37.76
C LEU B 266 -18.05 15.85 -36.56
N TYR B 267 -17.62 14.71 -36.03
CA TYR B 267 -16.66 14.68 -34.94
C TYR B 267 -15.23 14.78 -35.49
N PRO B 268 -14.31 15.33 -34.71
CA PRO B 268 -12.90 15.27 -35.09
C PRO B 268 -12.38 13.85 -34.95
N PRO B 269 -11.21 13.55 -35.50
CA PRO B 269 -10.61 12.22 -35.25
C PRO B 269 -10.36 12.03 -33.77
N TYR B 270 -10.78 10.88 -33.26
CA TYR B 270 -10.69 10.62 -31.83
C TYR B 270 -10.50 9.13 -31.59
N ALA B 271 -9.77 8.82 -30.54
CA ALA B 271 -9.58 7.44 -30.07
C ALA B 271 -10.58 7.13 -28.98
N GLY B 272 -11.35 6.06 -29.18
CA GLY B 272 -12.30 5.62 -28.17
C GLY B 272 -12.30 4.12 -27.99
N GLY B 273 -13.35 3.59 -27.36
CA GLY B 273 -13.56 2.16 -27.28
C GLY B 273 -12.91 1.44 -26.11
N GLY B 274 -12.25 2.16 -25.20
CA GLY B 274 -11.78 1.51 -24.00
C GLY B 274 -10.44 1.98 -23.47
N GLY B 275 -9.65 2.67 -24.28
CA GLY B 275 -8.39 3.19 -23.80
C GLY B 275 -7.48 3.76 -24.88
N PHE B 276 -6.57 4.64 -24.49
CA PHE B 276 -5.57 5.17 -25.41
C PHE B 276 -4.30 5.48 -24.64
N LEU B 277 -3.21 5.68 -25.38
CA LEU B 277 -1.87 5.81 -24.81
C LEU B 277 -1.20 7.05 -25.38
N TYR B 278 -0.60 7.86 -24.51
CA TYR B 278 0.00 9.11 -24.94
C TYR B 278 1.13 9.51 -23.99
N SER B 279 1.91 10.49 -24.43
CA SER B 279 3.05 10.95 -23.65
C SER B 279 2.64 11.95 -22.59
N GLY B 280 3.42 11.99 -21.50
CA GLY B 280 3.18 12.98 -20.46
C GLY B 280 3.39 14.40 -20.93
N HIS B 281 4.33 14.61 -21.86
CA HIS B 281 4.52 15.93 -22.45
C HIS B 281 3.24 16.39 -23.13
N LEU B 282 2.61 15.49 -23.91
CA LEU B 282 1.35 15.83 -24.56
C LEU B 282 0.23 16.00 -23.55
N ALA B 283 0.28 15.27 -22.42
CA ALA B 283 -0.74 15.43 -21.39
C ALA B 283 -0.77 16.86 -20.85
N LEU B 284 0.41 17.46 -20.68
CA LEU B 284 0.47 18.84 -20.20
C LEU B 284 -0.08 19.80 -21.25
N ARG B 285 0.27 19.59 -22.52
CA ARG B 285 -0.29 20.40 -23.59
C ARG B 285 -1.81 20.23 -23.67
N LEU B 286 -2.29 19.00 -23.44
CA LEU B 286 -3.73 18.74 -23.50
C LEU B 286 -4.47 19.54 -22.45
N TYR B 287 -4.00 19.49 -21.19
CA TYR B 287 -4.70 20.22 -20.13
C TYR B 287 -4.71 21.72 -20.40
N HIS B 288 -3.59 22.26 -20.89
CA HIS B 288 -3.51 23.71 -21.11
C HIS B 288 -4.60 24.19 -22.08
N ILE B 289 -4.97 23.36 -23.05
CA ILE B 289 -5.97 23.75 -24.04
C ILE B 289 -7.40 23.49 -23.60
N THR B 290 -7.62 22.75 -22.51
CA THR B 290 -8.98 22.38 -22.13
C THR B 290 -9.85 23.60 -21.86
N ASP B 291 -9.27 24.67 -21.30
CA ASP B 291 -10.03 25.89 -21.04
C ASP B 291 -10.68 26.43 -22.31
N GLN B 292 -10.10 26.17 -23.48
CA GLN B 292 -10.58 26.72 -24.73
C GLN B 292 -11.59 25.82 -25.43
N VAL B 293 -11.99 24.71 -24.82
CA VAL B 293 -12.94 23.78 -25.42
C VAL B 293 -14.06 23.53 -24.42
N HIS B 294 -15.31 23.78 -24.84
CA HIS B 294 -16.46 23.48 -24.00
C HIS B 294 -16.56 21.98 -23.76
N LEU B 295 -16.98 21.62 -22.54
CA LEU B 295 -17.21 20.22 -22.22
C LEU B 295 -18.22 19.62 -23.20
N TYR B 296 -18.09 18.32 -23.43
CA TYR B 296 -18.96 17.59 -24.35
C TYR B 296 -19.46 16.32 -23.68
N PRO B 297 -20.69 15.89 -23.98
CA PRO B 297 -21.26 14.73 -23.28
C PRO B 297 -20.51 13.42 -23.52
N ILE B 298 -19.67 13.34 -24.54
CA ILE B 298 -18.88 12.14 -24.83
C ILE B 298 -17.42 12.48 -24.59
N ASP B 299 -16.81 11.81 -23.60
CA ASP B 299 -15.48 12.21 -23.16
C ASP B 299 -14.43 11.99 -24.25
N ASP B 300 -14.51 10.87 -24.97
CA ASP B 300 -13.49 10.58 -25.98
C ASP B 300 -13.57 11.54 -27.15
N VAL B 301 -14.77 12.06 -27.44
CA VAL B 301 -14.89 13.09 -28.48
C VAL B 301 -14.27 14.40 -27.99
N TYR B 302 -14.41 14.70 -26.71
CA TYR B 302 -13.82 15.91 -26.15
C TYR B 302 -12.29 15.87 -26.27
N THR B 303 -11.69 14.71 -25.99
CA THR B 303 -10.25 14.59 -26.12
C THR B 303 -9.80 14.80 -27.58
N GLY B 304 -10.55 14.26 -28.53
CA GLY B 304 -10.24 14.50 -29.93
C GLY B 304 -10.35 15.97 -30.31
N MET B 305 -11.30 16.68 -29.71
CA MET B 305 -11.42 18.12 -29.94
C MET B 305 -10.20 18.86 -29.40
N CYS B 306 -9.71 18.46 -28.23
CA CYS B 306 -8.51 19.08 -27.67
C CYS B 306 -7.29 18.79 -28.54
N LEU B 307 -7.16 17.56 -29.02
CA LEU B 307 -6.03 17.23 -29.90
C LEU B 307 -6.08 18.05 -31.19
N GLN B 308 -7.27 18.19 -31.78
CA GLN B 308 -7.39 18.95 -33.02
C GLN B 308 -7.04 20.42 -32.81
N LYS B 309 -7.39 20.97 -31.65
CA LYS B 309 -7.05 22.36 -31.35
C LYS B 309 -5.55 22.54 -31.19
N LEU B 310 -4.85 21.49 -30.76
CA LEU B 310 -3.39 21.52 -30.67
C LEU B 310 -2.71 21.33 -32.02
N GLY B 311 -3.47 21.01 -33.06
CA GLY B 311 -2.87 20.71 -34.36
C GLY B 311 -2.34 19.31 -34.50
N LEU B 312 -2.84 18.36 -33.70
CA LEU B 312 -2.38 16.99 -33.72
C LEU B 312 -3.50 16.06 -34.15
N VAL B 313 -3.12 14.93 -34.73
CA VAL B 313 -4.04 13.91 -35.20
C VAL B 313 -3.70 12.59 -34.51
N PRO B 314 -4.61 12.00 -33.74
CA PRO B 314 -4.29 10.73 -33.07
C PRO B 314 -4.10 9.61 -34.08
N GLU B 315 -3.22 8.68 -33.72
CA GLU B 315 -2.78 7.63 -34.62
C GLU B 315 -3.48 6.32 -34.27
N LYS B 316 -3.99 5.63 -35.30
CA LYS B 316 -4.60 4.32 -35.10
C LYS B 316 -3.52 3.26 -34.87
N HIS B 317 -3.73 2.43 -33.87
CA HIS B 317 -2.84 1.30 -33.59
C HIS B 317 -3.67 0.03 -33.52
N LYS B 318 -3.26 -0.99 -34.28
CA LYS B 318 -4.06 -2.20 -34.43
C LYS B 318 -4.20 -2.98 -33.12
N GLY B 319 -3.36 -2.72 -32.12
CA GLY B 319 -3.42 -3.46 -30.88
C GLY B 319 -4.59 -3.12 -29.99
N PHE B 320 -5.31 -2.04 -30.27
CA PHE B 320 -6.46 -1.63 -29.47
C PHE B 320 -7.70 -2.33 -30.02
N ARG B 321 -8.03 -3.49 -29.41
CA ARG B 321 -9.12 -4.32 -29.88
C ARG B 321 -10.39 -3.96 -29.11
N THR B 322 -11.00 -2.84 -29.51
CA THR B 322 -12.17 -2.35 -28.80
C THR B 322 -13.42 -3.17 -29.11
N PHE B 323 -13.40 -3.97 -30.18
CA PHE B 323 -14.50 -4.86 -30.52
C PHE B 323 -14.15 -6.33 -30.25
N ASP B 324 -13.30 -6.58 -29.26
CA ASP B 324 -12.88 -7.92 -28.86
C ASP B 324 -12.10 -8.61 -29.97
N ILE B 325 -11.68 -9.85 -29.73
CA ILE B 325 -11.03 -10.66 -30.76
C ILE B 325 -12.03 -11.72 -31.23
N GLU B 326 -11.61 -12.53 -32.19
CA GLU B 326 -12.49 -13.57 -32.71
C GLU B 326 -12.79 -14.57 -31.60
N GLU B 327 -13.82 -15.40 -31.83
CA GLU B 327 -14.35 -16.27 -30.78
C GLU B 327 -13.37 -17.39 -30.43
N LYS B 328 -12.98 -18.19 -31.41
CA LYS B 328 -12.04 -19.28 -31.12
C LYS B 328 -10.71 -18.74 -30.60
N ASN B 329 -10.31 -17.54 -31.04
CA ASN B 329 -9.06 -16.96 -30.58
C ASN B 329 -9.11 -16.52 -29.13
N LYS B 330 -10.31 -16.37 -28.55
CA LYS B 330 -10.42 -15.95 -27.15
C LYS B 330 -9.81 -16.98 -26.22
N ASN B 331 -9.79 -18.24 -26.61
CA ASN B 331 -9.27 -19.32 -25.78
C ASN B 331 -7.83 -19.69 -26.13
N ASN B 332 -7.11 -18.77 -26.76
CA ASN B 332 -5.70 -18.96 -27.09
C ASN B 332 -4.93 -17.78 -26.54
N ILE B 333 -4.10 -18.02 -25.51
CA ILE B 333 -3.35 -16.95 -24.87
C ILE B 333 -2.39 -16.29 -25.86
N CYS B 334 -2.03 -16.98 -26.95
CA CYS B 334 -1.17 -16.38 -27.97
C CYS B 334 -1.86 -15.19 -28.62
N SER B 335 -3.18 -15.17 -28.65
CA SER B 335 -3.90 -14.05 -29.24
C SER B 335 -3.70 -12.76 -28.46
N TYR B 336 -3.35 -12.85 -27.18
CA TYR B 336 -3.20 -11.68 -26.32
C TYR B 336 -1.77 -11.16 -26.24
N VAL B 337 -0.79 -11.87 -26.82
CA VAL B 337 0.59 -11.44 -26.67
C VAL B 337 0.95 -10.26 -27.55
N ASP B 338 0.19 -10.02 -28.63
CA ASP B 338 0.55 -9.02 -29.63
C ASP B 338 -0.56 -7.99 -29.80
N LEU B 339 -1.21 -7.61 -28.70
CA LEU B 339 -2.22 -6.55 -28.74
C LEU B 339 -2.06 -5.65 -27.52
N MET B 340 -2.68 -4.47 -27.58
CA MET B 340 -2.60 -3.52 -26.49
C MET B 340 -3.70 -3.70 -25.46
N LEU B 341 -4.95 -3.82 -25.90
CA LEU B 341 -6.06 -4.03 -24.98
C LEU B 341 -7.20 -4.72 -25.72
N VAL B 342 -8.08 -5.34 -24.93
CA VAL B 342 -9.27 -6.01 -25.45
C VAL B 342 -10.46 -5.55 -24.62
N HIS B 343 -11.56 -5.21 -25.31
CA HIS B 343 -12.81 -4.87 -24.68
C HIS B 343 -13.87 -5.88 -25.11
N SER B 344 -14.55 -6.49 -24.15
CA SER B 344 -14.33 -6.25 -22.73
C SER B 344 -14.14 -7.57 -21.98
N ARG B 345 -13.68 -7.49 -20.74
CA ARG B 345 -13.42 -8.67 -19.94
C ARG B 345 -13.91 -8.46 -18.52
N LYS B 346 -14.40 -9.53 -17.92
CA LYS B 346 -14.87 -9.53 -16.54
C LYS B 346 -13.69 -9.66 -15.58
N PRO B 347 -13.88 -9.34 -14.30
CA PRO B 347 -12.76 -9.44 -13.34
C PRO B 347 -12.04 -10.79 -13.35
N GLN B 348 -12.79 -11.90 -13.33
CA GLN B 348 -12.16 -13.21 -13.35
C GLN B 348 -11.38 -13.42 -14.64
N GLU B 349 -11.93 -12.97 -15.77
CA GLU B 349 -11.25 -13.13 -17.05
C GLU B 349 -9.95 -12.35 -17.08
N MET B 350 -9.91 -11.17 -16.45
CA MET B 350 -8.69 -10.37 -16.40
C MET B 350 -7.59 -11.12 -15.67
N ILE B 351 -7.91 -11.71 -14.52
CA ILE B 351 -6.92 -12.44 -13.74
C ILE B 351 -6.50 -13.71 -14.47
N ASP B 352 -7.45 -14.37 -15.13
CA ASP B 352 -7.14 -15.62 -15.82
C ASP B 352 -6.23 -15.38 -17.02
N ILE B 353 -6.54 -14.37 -17.84
CA ILE B 353 -5.73 -14.07 -19.00
C ILE B 353 -4.33 -13.61 -18.58
N TRP B 354 -4.27 -12.74 -17.57
CA TRP B 354 -2.97 -12.26 -17.10
C TRP B 354 -2.11 -13.41 -16.57
N SER B 355 -2.73 -14.40 -15.92
CA SER B 355 -1.98 -15.53 -15.40
C SER B 355 -1.43 -16.39 -16.53
N GLN B 356 -2.22 -16.62 -17.59
CA GLN B 356 -1.75 -17.40 -18.72
C GLN B 356 -0.74 -16.64 -19.57
N LEU B 357 -0.76 -15.31 -19.51
CA LEU B 357 0.15 -14.50 -20.31
C LEU B 357 1.59 -14.58 -19.81
N GLN B 358 1.78 -14.87 -18.52
CA GLN B 358 3.13 -14.87 -17.95
C GLN B 358 4.01 -15.97 -18.53
N SER B 359 3.42 -17.01 -19.12
CA SER B 359 4.18 -18.08 -19.76
C SER B 359 3.90 -18.19 -21.25
N ALA B 360 3.19 -17.21 -21.84
CA ALA B 360 2.84 -17.29 -23.25
C ALA B 360 4.07 -17.24 -24.14
N HIS B 361 5.17 -16.65 -23.67
CA HIS B 361 6.39 -16.62 -24.45
C HIS B 361 6.95 -18.02 -24.70
N LEU B 362 6.61 -18.98 -23.85
CA LEU B 362 7.03 -20.36 -24.02
C LEU B 362 6.10 -21.14 -24.95
N LYS B 363 4.83 -20.76 -25.02
CA LYS B 363 3.86 -21.45 -25.87
C LYS B 363 3.73 -20.82 -27.25
N CYS B 364 4.02 -19.54 -27.39
CA CYS B 364 3.78 -18.82 -28.63
C CYS B 364 5.07 -18.36 -29.29
N ALA C 24 12.47 -30.93 3.07
CA ALA C 24 13.14 -29.74 3.58
C ALA C 24 13.82 -30.02 4.91
N TYR C 25 15.00 -29.42 5.10
CA TYR C 25 15.82 -29.77 6.27
C TYR C 25 15.14 -29.38 7.58
N TRP C 26 14.69 -28.13 7.68
CA TRP C 26 14.07 -27.67 8.92
C TRP C 26 12.84 -28.50 9.26
N ASN C 27 12.01 -28.80 8.25
CA ASN C 27 10.81 -29.59 8.49
C ASN C 27 11.16 -30.98 8.97
N ARG C 28 12.17 -31.61 8.36
CA ARG C 28 12.57 -32.95 8.78
C ARG C 28 13.09 -32.95 10.21
N GLU C 29 13.92 -31.97 10.56
CA GLU C 29 14.50 -31.93 11.90
C GLU C 29 13.45 -31.59 12.96
N GLN C 30 12.46 -30.76 12.61
CA GLN C 30 11.41 -30.43 13.57
C GLN C 30 10.54 -31.65 13.87
N GLU C 31 10.28 -32.48 12.86
CA GLU C 31 9.52 -33.70 13.08
C GLU C 31 10.26 -34.65 14.02
N LYS C 32 11.59 -34.75 13.86
CA LYS C 32 12.38 -35.51 14.81
C LYS C 32 12.25 -34.96 16.22
N LEU C 33 12.26 -33.63 16.36
CA LEU C 33 12.11 -33.01 17.66
C LEU C 33 10.75 -33.31 18.26
N ASN C 34 9.70 -33.26 17.45
CA ASN C 34 8.36 -33.58 17.93
C ASN C 34 8.29 -35.01 18.45
N ARG C 35 8.94 -35.95 17.76
CA ARG C 35 8.96 -37.33 18.21
C ARG C 35 9.69 -37.45 19.54
N GLN C 36 10.79 -36.72 19.70
CA GLN C 36 11.58 -36.81 20.92
C GLN C 36 10.81 -36.33 22.14
N TYR C 37 10.03 -35.24 21.98
CA TYR C 37 9.27 -34.72 23.11
C TYR C 37 7.90 -35.38 23.24
N ASN C 38 7.45 -36.09 22.21
CA ASN C 38 6.19 -36.82 22.25
C ASN C 38 6.46 -38.21 21.66
N PRO C 39 7.02 -39.13 22.46
CA PRO C 39 7.35 -40.46 21.91
C PRO C 39 6.15 -41.22 21.40
N ILE C 40 5.06 -41.26 22.18
CA ILE C 40 3.91 -42.08 21.82
C ILE C 40 3.07 -41.39 20.74
N LEU C 41 2.77 -40.11 20.94
CA LEU C 41 1.85 -39.41 20.06
C LEU C 41 2.50 -39.00 18.75
N SER C 42 3.82 -38.76 18.76
CA SER C 42 4.52 -38.40 17.53
C SER C 42 5.46 -39.52 17.08
N ILE C 57 23.03 -36.48 20.11
CA ILE C 57 23.53 -35.11 19.96
C ILE C 57 22.44 -34.11 20.32
N SER C 58 22.70 -33.32 21.35
CA SER C 58 21.72 -32.35 21.83
C SER C 58 21.40 -31.32 20.74
N HIS C 59 20.22 -30.72 20.87
CA HIS C 59 19.79 -29.66 19.98
C HIS C 59 19.78 -28.30 20.66
N LEU C 60 20.24 -28.23 21.91
CA LEU C 60 20.22 -27.00 22.70
C LEU C 60 21.61 -26.49 23.06
N ASN C 61 22.60 -27.38 23.23
CA ASN C 61 23.92 -26.93 23.65
C ASN C 61 25.06 -27.63 22.91
N TYR C 62 24.80 -28.16 21.71
CA TYR C 62 25.87 -28.63 20.84
C TYR C 62 26.34 -27.45 20.00
N CYS C 63 27.54 -26.94 20.33
CA CYS C 63 28.02 -25.69 19.74
C CYS C 63 29.24 -25.88 18.86
N GLU C 64 29.59 -27.12 18.53
CA GLU C 64 30.52 -27.43 17.46
C GLU C 64 29.79 -27.44 16.13
N PRO C 65 30.50 -27.29 15.00
CA PRO C 65 29.82 -27.33 13.71
C PRO C 65 29.13 -28.68 13.48
N ASP C 66 27.87 -28.60 13.04
CA ASP C 66 27.10 -29.80 12.69
C ASP C 66 27.50 -30.24 11.28
N LEU C 67 28.63 -30.93 11.21
CA LEU C 67 29.21 -31.30 9.93
C LEU C 67 28.30 -32.22 9.12
N ARG C 68 27.28 -32.81 9.75
CA ARG C 68 26.36 -33.68 9.02
C ARG C 68 25.55 -32.93 7.98
N VAL C 69 25.25 -31.64 8.23
CA VAL C 69 24.36 -30.90 7.35
C VAL C 69 24.94 -30.73 5.95
N THR C 70 26.27 -30.74 5.82
CA THR C 70 26.89 -30.56 4.51
C THR C 70 26.64 -31.74 3.58
N SER C 71 26.18 -32.87 4.10
CA SER C 71 25.83 -34.03 3.29
C SER C 71 24.34 -34.27 3.17
N VAL C 72 23.55 -33.88 4.17
CA VAL C 72 22.11 -34.12 4.12
C VAL C 72 21.40 -33.02 3.35
N VAL C 73 21.95 -31.80 3.32
CA VAL C 73 21.36 -30.69 2.59
C VAL C 73 21.97 -30.65 1.20
N THR C 74 21.17 -30.98 0.19
CA THR C 74 21.66 -30.96 -1.19
C THR C 74 21.91 -29.53 -1.65
N GLY C 75 23.06 -29.31 -2.30
CA GLY C 75 23.43 -27.97 -2.70
C GLY C 75 23.91 -27.09 -1.58
N PHE C 76 24.37 -27.69 -0.47
CA PHE C 76 24.81 -26.91 0.69
C PHE C 76 25.94 -25.95 0.31
N ASN C 77 26.90 -26.42 -0.51
CA ASN C 77 28.06 -25.61 -0.84
C ASN C 77 27.67 -24.36 -1.62
N ASN C 78 26.56 -24.40 -2.35
CA ASN C 78 26.10 -23.27 -3.13
C ASN C 78 25.14 -22.36 -2.38
N LEU C 79 24.87 -22.66 -1.11
CA LEU C 79 23.99 -21.80 -0.33
C LEU C 79 24.73 -20.55 0.13
N PRO C 80 24.01 -19.44 0.30
CA PRO C 80 24.64 -18.24 0.86
C PRO C 80 25.21 -18.52 2.24
N ASP C 81 26.22 -17.73 2.61
CA ASP C 81 26.96 -18.00 3.85
C ASP C 81 26.06 -17.94 5.08
N ARG C 82 25.04 -17.08 5.07
CA ARG C 82 24.16 -16.98 6.21
C ARG C 82 23.37 -18.27 6.42
N PHE C 83 23.05 -18.98 5.35
CA PHE C 83 22.38 -20.27 5.49
C PHE C 83 23.36 -21.34 5.96
N LYS C 84 24.59 -21.30 5.47
CA LYS C 84 25.61 -22.23 5.96
C LYS C 84 25.82 -22.06 7.46
N ASP C 85 25.96 -20.83 7.92
CA ASP C 85 26.15 -20.59 9.36
C ASP C 85 24.92 -21.00 10.15
N PHE C 86 23.72 -20.74 9.62
CA PHE C 86 22.51 -21.12 10.34
C PHE C 86 22.41 -22.62 10.51
N LEU C 87 22.68 -23.38 9.45
CA LEU C 87 22.54 -24.83 9.51
C LEU C 87 23.65 -25.45 10.36
N LEU C 88 24.86 -24.91 10.30
CA LEU C 88 25.99 -25.51 11.00
C LEU C 88 25.88 -25.35 12.51
N TYR C 89 25.23 -24.28 12.98
CA TYR C 89 25.16 -23.96 14.40
C TYR C 89 23.73 -23.89 14.90
N LEU C 90 22.81 -24.60 14.23
CA LEU C 90 21.42 -24.59 14.62
C LEU C 90 21.21 -25.12 16.03
N ARG C 91 22.04 -26.06 16.47
CA ARG C 91 21.83 -26.78 17.72
C ARG C 91 22.50 -26.11 18.92
N CYS C 92 22.95 -24.86 18.78
CA CYS C 92 23.57 -24.11 19.86
C CYS C 92 22.70 -22.91 20.20
N ARG C 93 22.30 -22.81 21.48
CA ARG C 93 21.58 -21.62 21.91
C ARG C 93 21.85 -21.25 23.36
N ASN C 94 22.86 -21.82 24.01
CA ASN C 94 23.18 -21.48 25.40
C ASN C 94 24.27 -20.41 25.43
N TYR C 95 23.92 -19.22 24.95
CA TYR C 95 24.84 -18.10 24.95
C TYR C 95 24.66 -17.28 26.22
N SER C 96 25.76 -16.66 26.65
CA SER C 96 25.81 -16.02 27.95
C SER C 96 25.46 -14.54 27.86
N LEU C 97 24.98 -14.01 28.97
CA LEU C 97 24.62 -12.60 29.09
C LEU C 97 25.85 -11.82 29.51
N LEU C 98 26.34 -10.95 28.63
CA LEU C 98 27.53 -10.16 28.92
C LEU C 98 27.21 -8.87 29.66
N ILE C 99 26.11 -8.21 29.31
CA ILE C 99 25.65 -7.01 29.99
C ILE C 99 24.22 -7.25 30.43
N ASP C 100 23.99 -7.21 31.74
CA ASP C 100 22.68 -7.46 32.32
C ASP C 100 22.21 -6.24 33.10
N GLN C 101 20.90 -6.15 33.27
CA GLN C 101 20.25 -5.20 34.18
C GLN C 101 19.44 -6.04 35.16
N PRO C 102 20.09 -6.68 36.12
CA PRO C 102 19.40 -7.69 36.94
C PRO C 102 18.26 -7.13 37.78
N ASP C 103 18.24 -5.82 38.02
CA ASP C 103 17.19 -5.18 38.79
C ASP C 103 16.23 -4.36 37.93
N LYS C 104 16.19 -4.62 36.61
CA LYS C 104 15.32 -3.86 35.73
C LYS C 104 13.87 -3.90 36.18
N CYS C 105 13.43 -5.03 36.71
CA CYS C 105 12.03 -5.22 37.12
C CYS C 105 11.91 -5.33 38.64
N ALA C 106 12.73 -4.56 39.35
CA ALA C 106 12.65 -4.53 40.81
C ALA C 106 11.27 -4.12 41.29
N LYS C 107 10.63 -3.19 40.59
CA LYS C 107 9.22 -2.89 40.79
C LYS C 107 8.44 -3.57 39.67
N LYS C 108 7.40 -4.30 40.05
CA LYS C 108 6.59 -5.08 39.11
C LYS C 108 6.10 -4.22 37.97
N PRO C 109 6.60 -4.43 36.75
CA PRO C 109 6.18 -3.58 35.63
C PRO C 109 4.78 -3.93 35.16
N PHE C 110 4.05 -2.90 34.74
CA PHE C 110 2.80 -3.14 34.02
C PHE C 110 3.08 -3.46 32.56
N LEU C 111 4.10 -2.83 31.98
CA LEU C 111 4.47 -3.04 30.59
C LEU C 111 5.98 -3.02 30.47
N LEU C 112 6.54 -4.08 29.90
CA LEU C 112 7.96 -4.18 29.61
C LEU C 112 8.19 -3.89 28.13
N LEU C 113 9.01 -2.87 27.85
CA LEU C 113 9.39 -2.53 26.49
C LEU C 113 10.73 -3.19 26.16
N ALA C 114 10.73 -4.07 25.16
CA ALA C 114 11.93 -4.77 24.72
C ALA C 114 12.18 -4.45 23.26
N ILE C 115 13.28 -3.75 22.98
CA ILE C 115 13.54 -3.21 21.66
C ILE C 115 14.78 -3.88 21.09
N LYS C 116 14.64 -4.49 19.91
CA LYS C 116 15.77 -5.09 19.22
C LYS C 116 16.62 -4.01 18.57
N SER C 117 17.94 -4.10 18.76
CA SER C 117 18.84 -3.07 18.25
C SER C 117 20.20 -3.69 17.96
N LEU C 118 21.02 -2.92 17.25
CA LEU C 118 22.40 -3.26 16.96
C LEU C 118 23.31 -2.23 17.63
N THR C 119 24.53 -2.65 17.94
CA THR C 119 25.51 -1.78 18.62
C THR C 119 25.60 -0.36 18.08
N PRO C 120 25.78 -0.13 16.76
CA PRO C 120 25.99 1.26 16.30
C PRO C 120 24.74 2.13 16.31
N HIS C 121 23.58 1.60 16.68
CA HIS C 121 22.33 2.34 16.61
C HIS C 121 22.14 3.24 17.83
N PHE C 122 23.13 4.09 18.13
CA PHE C 122 23.04 4.93 19.31
C PHE C 122 21.94 5.97 19.19
N ALA C 123 21.77 6.56 18.00
CA ALA C 123 20.76 7.60 17.83
C ALA C 123 19.35 7.02 17.95
N ARG C 124 19.13 5.83 17.39
CA ARG C 124 17.81 5.20 17.49
C ARG C 124 17.44 4.95 18.95
N ARG C 125 18.36 4.38 19.72
CA ARG C 125 18.08 4.05 21.11
C ARG C 125 17.84 5.32 21.94
N GLN C 126 18.63 6.36 21.71
CA GLN C 126 18.47 7.59 22.49
C GLN C 126 17.14 8.26 22.17
N ALA C 127 16.75 8.26 20.89
CA ALA C 127 15.45 8.83 20.53
C ALA C 127 14.31 8.06 21.17
N ILE C 128 14.45 6.74 21.28
CA ILE C 128 13.43 5.94 21.96
C ILE C 128 13.37 6.30 23.43
N ARG C 129 14.55 6.44 24.07
CA ARG C 129 14.59 6.83 25.48
C ARG C 129 13.85 8.14 25.73
N GLU C 130 14.00 9.12 24.83
CA GLU C 130 13.41 10.43 25.03
C GLU C 130 11.95 10.52 24.60
N SER C 131 11.48 9.58 23.77
CA SER C 131 10.13 9.68 23.24
C SER C 131 9.22 8.58 23.79
N TRP C 132 8.85 7.61 22.97
CA TRP C 132 7.85 6.64 23.39
C TRP C 132 8.39 5.56 24.32
N GLY C 133 9.70 5.43 24.46
CA GLY C 133 10.29 4.43 25.33
C GLY C 133 10.66 4.91 26.72
N GLN C 134 10.16 6.08 27.13
CA GLN C 134 10.43 6.58 28.48
C GLN C 134 9.91 5.61 29.52
N GLU C 135 10.70 5.40 30.57
CA GLU C 135 10.22 4.68 31.74
C GLU C 135 9.39 5.61 32.62
N SER C 136 8.33 5.07 33.21
CA SER C 136 7.38 5.90 33.95
C SER C 136 6.73 5.08 35.03
N ASN C 137 5.98 5.78 35.90
CA ASN C 137 5.25 5.17 37.01
C ASN C 137 3.91 5.87 37.22
N ALA C 138 3.32 6.40 36.15
CA ALA C 138 2.08 7.16 36.28
C ALA C 138 0.93 6.23 36.63
N GLY C 139 0.35 6.43 37.81
CA GLY C 139 -0.74 5.59 38.25
C GLY C 139 -0.33 4.24 38.78
N ASN C 140 0.88 4.13 39.33
CA ASN C 140 1.47 2.88 39.81
C ASN C 140 1.54 1.83 38.72
N GLN C 141 1.52 2.25 37.45
CA GLN C 141 1.66 1.37 36.31
C GLN C 141 3.08 1.57 35.76
N THR C 142 4.00 0.76 36.25
CA THR C 142 5.41 0.92 35.91
C THR C 142 5.66 0.48 34.47
N VAL C 143 6.36 1.32 33.72
CA VAL C 143 6.84 1.01 32.38
C VAL C 143 8.36 0.98 32.42
N VAL C 144 8.95 -0.13 31.98
CA VAL C 144 10.39 -0.29 31.97
C VAL C 144 10.85 -0.61 30.55
N ARG C 145 12.13 -0.38 30.30
CA ARG C 145 12.68 -0.43 28.95
C ARG C 145 13.99 -1.21 28.94
N VAL C 146 14.15 -2.08 27.95
CA VAL C 146 15.42 -2.76 27.69
C VAL C 146 15.67 -2.79 26.19
N PHE C 147 16.93 -2.66 25.81
CA PHE C 147 17.35 -2.87 24.43
C PHE C 147 18.06 -4.21 24.32
N LEU C 148 17.77 -4.95 23.25
CA LEU C 148 18.23 -6.32 23.06
C LEU C 148 19.32 -6.34 22.02
N LEU C 149 20.55 -6.66 22.42
CA LEU C 149 21.71 -6.61 21.55
C LEU C 149 22.46 -7.93 21.60
N GLY C 150 23.03 -8.30 20.44
CA GLY C 150 24.06 -9.29 20.37
C GLY C 150 25.42 -8.67 20.18
N GLN C 151 26.37 -9.47 19.72
CA GLN C 151 27.72 -8.98 19.46
C GLN C 151 27.85 -8.49 18.03
N THR C 152 28.63 -7.43 17.85
CA THR C 152 29.06 -6.97 16.55
C THR C 152 30.58 -7.16 16.49
N PRO C 153 31.04 -8.38 16.20
CA PRO C 153 32.44 -8.74 16.46
C PRO C 153 33.37 -8.14 15.42
N PRO C 154 34.65 -7.94 15.78
CA PRO C 154 35.62 -7.46 14.79
C PRO C 154 35.84 -8.41 13.64
N GLU C 155 35.64 -9.72 13.85
CA GLU C 155 35.84 -10.68 12.78
C GLU C 155 34.89 -10.47 11.61
N ASP C 156 33.74 -9.83 11.85
CA ASP C 156 32.82 -9.46 10.79
C ASP C 156 33.03 -8.02 10.32
N ASN C 157 34.21 -7.45 10.57
CA ASN C 157 34.60 -6.12 10.13
C ASN C 157 33.78 -5.02 10.78
N HIS C 158 33.16 -5.29 11.92
CA HIS C 158 32.45 -4.24 12.63
C HIS C 158 33.45 -3.27 13.24
N PRO C 159 33.15 -1.96 13.23
CA PRO C 159 33.99 -1.02 13.98
C PRO C 159 33.86 -1.29 15.47
N ASP C 160 34.96 -1.12 16.19
CA ASP C 160 34.99 -1.38 17.63
C ASP C 160 34.30 -0.23 18.35
N LEU C 161 33.05 -0.45 18.72
CA LEU C 161 32.25 0.52 19.47
C LEU C 161 31.97 0.03 20.89
N SER C 162 32.83 -0.85 21.42
CA SER C 162 32.55 -1.47 22.71
C SER C 162 32.62 -0.46 23.85
N ASP C 163 33.59 0.46 23.81
CA ASP C 163 33.71 1.43 24.89
C ASP C 163 32.53 2.39 24.90
N MET C 164 32.06 2.79 23.71
CA MET C 164 30.85 3.62 23.64
C MET C 164 29.64 2.90 24.21
N LEU C 165 29.49 1.61 23.89
CA LEU C 165 28.33 0.86 24.36
C LEU C 165 28.34 0.69 25.88
N LYS C 166 29.51 0.46 26.47
CA LYS C 166 29.58 0.34 27.92
C LYS C 166 29.26 1.67 28.60
N PHE C 167 29.75 2.77 28.04
CA PHE C 167 29.40 4.10 28.56
C PHE C 167 27.90 4.32 28.47
N GLU C 168 27.29 3.95 27.34
CA GLU C 168 25.84 4.05 27.21
C GLU C 168 25.13 3.17 28.23
N SER C 169 25.63 1.95 28.43
CA SER C 169 25.00 1.04 29.38
C SER C 169 25.09 1.58 30.80
N GLU C 170 26.27 2.07 31.20
CA GLU C 170 26.42 2.62 32.54
C GLU C 170 25.54 3.84 32.75
N LYS C 171 25.28 4.61 31.69
CA LYS C 171 24.53 5.86 31.82
C LYS C 171 23.03 5.60 31.89
N HIS C 172 22.50 4.72 31.02
CA HIS C 172 21.06 4.56 30.87
C HIS C 172 20.48 3.28 31.45
N GLN C 173 21.31 2.29 31.77
CA GLN C 173 20.85 1.09 32.49
C GLN C 173 19.75 0.34 31.75
N ASP C 174 19.85 0.27 30.42
CA ASP C 174 18.80 -0.38 29.66
C ASP C 174 19.33 -1.25 28.54
N ILE C 175 20.59 -1.69 28.62
CA ILE C 175 21.20 -2.52 27.57
C ILE C 175 21.28 -3.95 28.08
N LEU C 176 20.69 -4.88 27.33
CA LEU C 176 20.88 -6.31 27.51
C LEU C 176 21.65 -6.84 26.30
N MET C 177 22.81 -7.44 26.54
CA MET C 177 23.69 -7.87 25.46
C MET C 177 24.18 -9.28 25.72
N TRP C 178 24.01 -10.15 24.73
CA TRP C 178 24.41 -11.54 24.79
C TRP C 178 25.64 -11.77 23.90
N ASN C 179 26.35 -12.87 24.18
CA ASN C 179 27.62 -13.17 23.51
C ASN C 179 27.40 -14.08 22.30
N TYR C 180 26.66 -13.58 21.32
CA TYR C 180 26.49 -14.28 20.05
C TYR C 180 26.52 -13.28 18.91
N ARG C 181 26.72 -13.81 17.70
CA ARG C 181 26.82 -12.98 16.50
C ARG C 181 25.46 -12.41 16.14
N ASP C 182 25.31 -11.09 16.25
CA ASP C 182 24.04 -10.42 16.01
C ASP C 182 23.82 -10.27 14.51
N THR C 183 22.96 -11.11 13.94
CA THR C 183 22.66 -11.10 12.51
C THR C 183 21.15 -11.28 12.33
N PHE C 184 20.69 -11.05 11.09
CA PHE C 184 19.28 -11.24 10.79
C PHE C 184 18.85 -12.68 11.04
N PHE C 185 19.66 -13.65 10.60
CA PHE C 185 19.29 -15.05 10.75
C PHE C 185 19.50 -15.55 12.17
N ASN C 186 20.09 -14.75 13.05
CA ASN C 186 20.19 -15.08 14.47
C ASN C 186 19.17 -14.33 15.32
N LEU C 187 18.18 -13.68 14.70
CA LEU C 187 17.22 -12.91 15.48
C LEU C 187 16.26 -13.81 16.26
N SER C 188 15.98 -15.03 15.77
CA SER C 188 15.19 -15.94 16.58
C SER C 188 15.96 -16.37 17.81
N LEU C 189 17.29 -16.40 17.73
CA LEU C 189 18.11 -16.58 18.92
C LEU C 189 17.96 -15.40 19.87
N LYS C 190 17.93 -14.17 19.34
CA LYS C 190 17.65 -13.00 20.17
C LYS C 190 16.30 -13.15 20.87
N GLU C 191 15.30 -13.67 20.16
CA GLU C 191 13.99 -13.89 20.77
C GLU C 191 14.07 -14.88 21.94
N VAL C 192 14.72 -16.02 21.71
CA VAL C 192 14.80 -17.05 22.75
C VAL C 192 15.56 -16.52 23.96
N LEU C 193 16.68 -15.84 23.73
CA LEU C 193 17.48 -15.34 24.83
C LEU C 193 16.76 -14.23 25.60
N PHE C 194 15.97 -13.42 24.91
CA PHE C 194 15.14 -12.43 25.60
C PHE C 194 14.08 -13.11 26.46
N LEU C 195 13.40 -14.11 25.89
CA LEU C 195 12.38 -14.84 26.65
C LEU C 195 13.00 -15.54 27.86
N ARG C 196 14.23 -16.03 27.72
CA ARG C 196 14.93 -16.59 28.87
C ARG C 196 15.13 -15.53 29.95
N TRP C 197 15.53 -14.33 29.55
CA TRP C 197 15.74 -13.26 30.52
C TRP C 197 14.44 -12.89 31.23
N VAL C 198 13.32 -12.89 30.50
CA VAL C 198 12.03 -12.58 31.11
C VAL C 198 11.70 -13.61 32.20
N SER C 199 11.95 -14.89 31.92
CA SER C 199 11.61 -15.92 32.90
C SER C 199 12.46 -15.84 34.15
N THR C 200 13.72 -15.42 34.02
CA THR C 200 14.63 -15.38 35.16
C THR C 200 14.67 -14.03 35.86
N SER C 201 14.48 -12.93 35.13
CA SER C 201 14.70 -11.60 35.69
C SER C 201 13.48 -10.69 35.65
N CYS C 202 12.44 -11.04 34.92
CA CYS C 202 11.24 -10.20 34.89
C CYS C 202 9.97 -11.02 34.75
N PRO C 203 9.77 -12.07 35.57
CA PRO C 203 8.65 -12.98 35.33
C PRO C 203 7.29 -12.41 35.71
N ASP C 204 7.25 -11.30 36.45
CA ASP C 204 6.02 -10.76 36.97
C ASP C 204 5.50 -9.55 36.19
N THR C 205 6.13 -9.21 35.07
CA THR C 205 5.63 -8.11 34.25
C THR C 205 4.26 -8.46 33.69
N GLU C 206 3.35 -7.50 33.75
CA GLU C 206 1.96 -7.76 33.33
C GLU C 206 1.87 -7.97 31.83
N PHE C 207 2.56 -7.13 31.05
CA PHE C 207 2.53 -7.22 29.60
C PHE C 207 3.92 -6.94 29.05
N VAL C 208 4.14 -7.37 27.81
CA VAL C 208 5.41 -7.19 27.12
C VAL C 208 5.14 -6.64 25.72
N PHE C 209 5.89 -5.62 25.35
CA PHE C 209 5.98 -5.17 23.96
C PHE C 209 7.37 -5.45 23.44
N LYS C 210 7.46 -6.20 22.35
CA LYS C 210 8.72 -6.45 21.65
C LYS C 210 8.64 -5.83 20.27
N GLY C 211 9.61 -4.98 19.95
CA GLY C 211 9.58 -4.25 18.69
C GLY C 211 10.95 -3.85 18.20
N ASP C 212 10.98 -3.20 17.05
CA ASP C 212 12.21 -2.78 16.41
C ASP C 212 12.56 -1.35 16.83
N ASP C 213 13.84 -0.99 16.64
CA ASP C 213 14.32 0.33 17.04
C ASP C 213 14.13 1.39 15.95
N ASP C 214 13.32 1.11 14.93
CA ASP C 214 13.03 2.08 13.88
C ASP C 214 11.53 2.33 13.73
N VAL C 215 10.74 1.98 14.74
CA VAL C 215 9.29 2.18 14.69
C VAL C 215 8.91 3.23 15.74
N PHE C 216 7.85 3.97 15.44
CA PHE C 216 7.20 4.81 16.44
C PHE C 216 6.06 4.04 17.09
N VAL C 217 5.98 4.13 18.41
CA VAL C 217 4.97 3.41 19.19
C VAL C 217 4.15 4.43 19.97
N ASN C 218 2.83 4.36 19.82
CA ASN C 218 1.94 5.19 20.65
C ASN C 218 1.75 4.47 21.97
N THR C 219 2.67 4.71 22.91
CA THR C 219 2.63 4.00 24.19
C THR C 219 1.40 4.38 25.01
N HIS C 220 0.92 5.62 24.88
CA HIS C 220 -0.32 6.01 25.55
C HIS C 220 -1.48 5.14 25.07
N HIS C 221 -1.59 4.96 23.75
CA HIS C 221 -2.65 4.12 23.20
C HIS C 221 -2.53 2.68 23.70
N ILE C 222 -1.30 2.17 23.81
CA ILE C 222 -1.11 0.80 24.28
C ILE C 222 -1.55 0.66 25.73
N LEU C 223 -1.19 1.64 26.57
CA LEU C 223 -1.60 1.59 27.97
C LEU C 223 -3.11 1.66 28.12
N ASN C 224 -3.77 2.54 27.36
CA ASN C 224 -5.23 2.62 27.40
C ASN C 224 -5.87 1.30 26.95
N TYR C 225 -5.29 0.68 25.92
CA TYR C 225 -5.81 -0.61 25.47
C TYR C 225 -5.59 -1.70 26.51
N LEU C 226 -4.39 -1.76 27.09
CA LEU C 226 -4.09 -2.78 28.09
C LEU C 226 -4.99 -2.63 29.32
N ASN C 227 -5.24 -1.39 29.75
CA ASN C 227 -6.09 -1.16 30.91
C ASN C 227 -7.55 -1.50 30.65
N SER C 228 -7.93 -1.64 29.38
CA SER C 228 -9.30 -2.00 29.00
C SER C 228 -9.50 -3.51 28.88
N LEU C 229 -8.46 -4.31 29.08
CA LEU C 229 -8.56 -5.75 28.88
C LEU C 229 -9.11 -6.44 30.14
N SER C 230 -10.07 -7.32 29.95
CA SER C 230 -10.44 -8.24 31.03
C SER C 230 -9.28 -9.19 31.30
N LYS C 231 -9.27 -9.75 32.52
CA LYS C 231 -8.22 -10.70 32.87
C LYS C 231 -8.24 -11.93 31.96
N THR C 232 -9.43 -12.34 31.51
CA THR C 232 -9.52 -13.50 30.62
C THR C 232 -8.81 -13.23 29.31
N LYS C 233 -9.12 -12.11 28.65
CA LYS C 233 -8.47 -11.80 27.37
C LYS C 233 -7.01 -11.43 27.57
N ALA C 234 -6.66 -10.88 28.74
CA ALA C 234 -5.29 -10.46 29.00
C ALA C 234 -4.38 -11.64 29.26
N LYS C 235 -4.92 -12.78 29.70
CA LYS C 235 -4.08 -13.89 30.14
C LYS C 235 -3.21 -14.43 29.02
N ASP C 236 -3.78 -14.58 27.83
CA ASP C 236 -3.06 -15.11 26.67
C ASP C 236 -3.05 -14.11 25.52
N LEU C 237 -2.96 -12.83 25.86
CA LEU C 237 -2.92 -11.79 24.84
C LEU C 237 -1.71 -11.96 23.93
N PHE C 238 -1.94 -11.89 22.63
CA PHE C 238 -0.86 -11.73 21.66
C PHE C 238 -1.48 -11.09 20.41
N ILE C 239 -1.13 -9.84 20.15
CA ILE C 239 -1.70 -9.09 19.04
C ILE C 239 -0.59 -8.42 18.25
N GLY C 240 -0.90 -8.13 16.99
CA GLY C 240 0.04 -7.47 16.12
C GLY C 240 -0.51 -7.43 14.71
N ASP C 241 0.38 -7.23 13.74
CA ASP C 241 0.03 -7.33 12.33
C ASP C 241 0.19 -8.79 11.93
N VAL C 242 -0.85 -9.57 12.13
CA VAL C 242 -0.82 -11.02 11.94
C VAL C 242 -1.21 -11.34 10.50
N ILE C 243 -0.40 -12.19 9.86
CA ILE C 243 -0.69 -12.67 8.51
C ILE C 243 -0.88 -14.18 8.55
N HIS C 244 -1.90 -14.66 7.86
CA HIS C 244 -2.19 -16.09 7.78
C HIS C 244 -1.79 -16.66 6.43
N ASN C 245 -1.38 -17.93 6.44
CA ASN C 245 -1.11 -18.69 5.22
C ASN C 245 -0.01 -18.05 4.38
N ALA C 246 0.92 -17.33 5.00
CA ALA C 246 2.06 -16.81 4.29
C ALA C 246 3.05 -17.93 4.00
N GLY C 247 3.88 -17.71 2.97
CA GLY C 247 4.85 -18.71 2.57
C GLY C 247 6.25 -18.15 2.43
N PRO C 248 7.23 -19.05 2.34
CA PRO C 248 8.63 -18.60 2.21
C PRO C 248 8.89 -18.00 0.84
N HIS C 249 9.65 -16.91 0.83
CA HIS C 249 10.05 -16.29 -0.44
C HIS C 249 11.09 -17.16 -1.13
N ARG C 250 10.81 -17.55 -2.37
CA ARG C 250 11.73 -18.35 -3.16
C ARG C 250 12.60 -17.50 -4.09
N ASP C 251 12.37 -16.19 -4.13
CA ASP C 251 13.18 -15.29 -4.96
C ASP C 251 14.52 -15.07 -4.27
N LYS C 252 15.60 -15.54 -4.91
CA LYS C 252 16.92 -15.50 -4.30
C LYS C 252 17.39 -14.09 -3.99
N LYS C 253 16.80 -13.07 -4.61
CA LYS C 253 17.23 -11.69 -4.40
C LYS C 253 16.51 -10.99 -3.26
N LEU C 254 15.48 -11.61 -2.68
CA LEU C 254 14.72 -10.94 -1.64
C LEU C 254 15.42 -11.08 -0.28
N LYS C 255 15.11 -10.13 0.61
CA LYS C 255 15.75 -10.09 1.91
C LYS C 255 15.44 -11.32 2.74
N TYR C 256 14.20 -11.81 2.68
CA TYR C 256 13.77 -12.95 3.48
C TYR C 256 13.60 -14.20 2.62
N TYR C 257 14.46 -14.35 1.61
CA TYR C 257 14.47 -15.56 0.79
C TYR C 257 14.84 -16.78 1.64
N ILE C 258 14.12 -17.89 1.39
CA ILE C 258 14.38 -19.16 2.05
C ILE C 258 14.35 -20.24 0.99
N PRO C 259 15.43 -21.03 0.83
CA PRO C 259 15.44 -22.05 -0.22
C PRO C 259 14.47 -23.19 0.08
N GLU C 260 14.06 -23.87 -0.99
CA GLU C 260 13.15 -25.00 -0.85
C GLU C 260 13.80 -26.14 -0.07
N VAL C 261 15.12 -26.25 -0.12
CA VAL C 261 15.81 -27.31 0.61
C VAL C 261 15.83 -27.03 2.12
N VAL C 262 15.56 -25.79 2.52
CA VAL C 262 15.58 -25.43 3.94
C VAL C 262 14.21 -25.58 4.58
N TYR C 263 13.16 -25.04 3.96
CA TYR C 263 11.83 -25.06 4.54
C TYR C 263 10.80 -25.27 3.44
N SER C 264 9.86 -26.19 3.68
CA SER C 264 8.78 -26.47 2.76
C SER C 264 7.43 -26.19 3.42
N GLY C 265 6.43 -25.93 2.59
CA GLY C 265 5.09 -25.66 3.08
C GLY C 265 4.89 -24.19 3.40
N LEU C 266 3.85 -23.94 4.21
CA LEU C 266 3.45 -22.59 4.56
C LEU C 266 3.92 -22.24 5.97
N TYR C 267 3.92 -20.94 6.26
CA TYR C 267 4.22 -20.46 7.59
C TYR C 267 2.97 -20.51 8.47
N PRO C 268 3.14 -20.70 9.78
CA PRO C 268 2.01 -20.53 10.69
C PRO C 268 1.62 -19.08 10.80
N PRO C 269 0.45 -18.77 11.35
CA PRO C 269 0.10 -17.37 11.61
C PRO C 269 1.12 -16.71 12.53
N TYR C 270 1.58 -15.53 12.14
CA TYR C 270 2.62 -14.84 12.89
C TYR C 270 2.43 -13.34 12.75
N ALA C 271 2.77 -12.60 13.81
CA ALA C 271 2.76 -11.15 13.80
C ALA C 271 4.17 -10.66 13.50
N GLY C 272 4.31 -9.83 12.47
CA GLY C 272 5.59 -9.24 12.14
C GLY C 272 5.50 -7.78 11.78
N GLY C 273 6.55 -7.26 11.15
CA GLY C 273 6.52 -5.92 10.60
C GLY C 273 6.94 -4.80 11.54
N GLY C 274 7.37 -5.11 12.76
CA GLY C 274 7.93 -4.07 13.60
C GLY C 274 7.63 -4.15 15.08
N GLY C 275 6.62 -4.94 15.46
CA GLY C 275 6.32 -5.10 16.87
C GLY C 275 5.04 -5.84 17.17
N PHE C 276 4.95 -6.42 18.36
CA PHE C 276 3.72 -7.06 18.81
C PHE C 276 3.64 -6.94 20.33
N LEU C 277 2.45 -7.22 20.86
CA LEU C 277 2.13 -6.98 22.27
C LEU C 277 1.52 -8.24 22.85
N TYR C 278 1.99 -8.64 24.02
CA TYR C 278 1.53 -9.87 24.64
C TYR C 278 1.71 -9.81 26.14
N SER C 279 1.08 -10.77 26.83
CA SER C 279 1.11 -10.80 28.29
C SER C 279 2.37 -11.48 28.80
N GLY C 280 2.77 -11.11 30.01
CA GLY C 280 3.90 -11.76 30.65
C GLY C 280 3.64 -13.22 30.95
N HIS C 281 2.40 -13.58 31.27
CA HIS C 281 2.04 -14.97 31.45
C HIS C 281 2.32 -15.78 30.19
N LEU C 282 1.94 -15.23 29.02
CA LEU C 282 2.25 -15.89 27.77
C LEU C 282 3.74 -15.88 27.47
N ALA C 283 4.46 -14.85 27.92
CA ALA C 283 5.90 -14.82 27.74
C ALA C 283 6.56 -16.00 28.43
N LEU C 284 6.08 -16.35 29.62
CA LEU C 284 6.64 -17.49 30.34
C LEU C 284 6.32 -18.80 29.63
N ARG C 285 5.09 -18.94 29.14
CA ARG C 285 4.73 -20.12 28.34
C ARG C 285 5.54 -20.18 27.06
N LEU C 286 5.79 -19.01 26.44
CA LEU C 286 6.56 -18.99 25.19
C LEU C 286 7.98 -19.50 25.40
N TYR C 287 8.67 -19.00 26.42
CA TYR C 287 10.04 -19.45 26.65
C TYR C 287 10.09 -20.95 26.95
N HIS C 288 9.15 -21.43 27.77
CA HIS C 288 9.15 -22.84 28.14
C HIS C 288 9.04 -23.74 26.91
N ILE C 289 8.32 -23.28 25.87
CA ILE C 289 8.12 -24.09 24.68
C ILE C 289 9.24 -23.95 23.65
N THR C 290 10.13 -22.97 23.82
CA THR C 290 11.17 -22.73 22.81
C THR C 290 12.05 -23.96 22.60
N ASP C 291 12.33 -24.71 23.68
CA ASP C 291 13.14 -25.92 23.54
C ASP C 291 12.57 -26.90 22.53
N GLN C 292 11.25 -26.89 22.34
CA GLN C 292 10.59 -27.87 21.49
C GLN C 292 10.45 -27.39 20.05
N VAL C 293 11.00 -26.23 19.71
CA VAL C 293 10.92 -25.67 18.36
C VAL C 293 12.33 -25.32 17.91
N HIS C 294 12.76 -25.88 16.78
CA HIS C 294 14.05 -25.53 16.21
C HIS C 294 14.07 -24.06 15.81
N LEU C 295 15.22 -23.42 15.99
CA LEU C 295 15.40 -22.05 15.55
C LEU C 295 15.13 -21.92 14.06
N TYR C 296 14.68 -20.74 13.66
CA TYR C 296 14.35 -20.45 12.27
C TYR C 296 15.00 -19.13 11.86
N PRO C 297 15.43 -18.99 10.61
CA PRO C 297 16.16 -17.78 10.21
C PRO C 297 15.35 -16.50 10.30
N ILE C 298 14.03 -16.57 10.39
CA ILE C 298 13.18 -15.39 10.50
C ILE C 298 12.55 -15.43 11.89
N ASP C 299 12.86 -14.42 12.71
CA ASP C 299 12.47 -14.47 14.12
C ASP C 299 10.96 -14.42 14.30
N ASP C 300 10.27 -13.58 13.51
CA ASP C 300 8.83 -13.46 13.70
C ASP C 300 8.11 -14.72 13.29
N VAL C 301 8.64 -15.47 12.32
CA VAL C 301 8.06 -16.76 11.99
C VAL C 301 8.30 -17.77 13.12
N TYR C 302 9.47 -17.68 13.76
CA TYR C 302 9.77 -18.58 14.87
C TYR C 302 8.80 -18.37 16.03
N THR C 303 8.48 -17.10 16.33
CA THR C 303 7.51 -16.84 17.40
C THR C 303 6.15 -17.41 17.05
N GLY C 304 5.73 -17.27 15.79
CA GLY C 304 4.48 -17.88 15.37
C GLY C 304 4.48 -19.38 15.48
N MET C 305 5.64 -20.01 15.23
CA MET C 305 5.76 -21.45 15.43
C MET C 305 5.59 -21.82 16.90
N CYS C 306 6.17 -21.04 17.79
CA CYS C 306 6.03 -21.29 19.23
C CYS C 306 4.58 -21.13 19.66
N LEU C 307 3.90 -20.10 19.17
CA LEU C 307 2.49 -19.90 19.50
C LEU C 307 1.64 -21.07 19.00
N GLN C 308 1.92 -21.55 17.78
CA GLN C 308 1.15 -22.65 17.23
C GLN C 308 1.35 -23.92 18.04
N LYS C 309 2.57 -24.15 18.55
CA LYS C 309 2.80 -25.32 19.37
C LYS C 309 2.08 -25.23 20.70
N LEU C 310 1.83 -24.01 21.19
CA LEU C 310 1.04 -23.82 22.39
C LEU C 310 -0.46 -23.95 22.15
N GLY C 311 -0.88 -24.06 20.89
CA GLY C 311 -2.30 -24.09 20.58
C GLY C 311 -2.95 -22.72 20.52
N LEU C 312 -2.18 -21.66 20.30
CA LEU C 312 -2.69 -20.30 20.26
C LEU C 312 -2.52 -19.72 18.87
N VAL C 313 -3.40 -18.77 18.54
CA VAL C 313 -3.39 -18.08 17.26
C VAL C 313 -3.27 -16.59 17.54
N PRO C 314 -2.22 -15.92 17.10
CA PRO C 314 -2.11 -14.47 17.35
C PRO C 314 -3.20 -13.70 16.62
N GLU C 315 -3.62 -12.61 17.24
CA GLU C 315 -4.78 -11.85 16.77
C GLU C 315 -4.33 -10.61 16.02
N LYS C 316 -4.95 -10.35 14.87
CA LYS C 316 -4.67 -9.16 14.09
C LYS C 316 -5.28 -7.94 14.78
N HIS C 317 -4.50 -6.88 14.91
CA HIS C 317 -4.98 -5.61 15.44
C HIS C 317 -4.63 -4.52 14.44
N LYS C 318 -5.64 -3.75 14.02
CA LYS C 318 -5.47 -2.77 12.95
C LYS C 318 -4.53 -1.63 13.33
N GLY C 319 -4.24 -1.45 14.62
CA GLY C 319 -3.37 -0.37 15.04
C GLY C 319 -1.89 -0.56 14.74
N PHE C 320 -1.49 -1.77 14.34
CA PHE C 320 -0.10 -2.06 14.00
C PHE C 320 0.11 -1.77 12.52
N ARG C 321 0.59 -0.56 12.23
CA ARG C 321 0.76 -0.11 10.85
C ARG C 321 2.19 -0.42 10.41
N THR C 322 2.42 -1.70 10.09
CA THR C 322 3.75 -2.15 9.71
C THR C 322 4.15 -1.70 8.32
N PHE C 323 3.18 -1.29 7.50
CA PHE C 323 3.45 -0.72 6.18
C PHE C 323 3.22 0.78 6.18
N ASP C 324 3.35 1.42 7.33
CA ASP C 324 3.18 2.86 7.47
C ASP C 324 1.77 3.32 7.30
N ILE C 325 1.57 4.61 7.40
CA ILE C 325 0.29 5.22 7.22
C ILE C 325 0.44 5.96 5.93
N GLU C 326 -0.65 6.52 5.42
CA GLU C 326 -0.58 7.23 4.18
C GLU C 326 0.33 8.44 4.27
N GLU C 327 1.10 8.66 3.24
CA GLU C 327 2.05 9.73 3.21
C GLU C 327 1.38 11.05 3.39
N LYS C 328 0.21 11.18 2.82
CA LYS C 328 -0.50 12.41 2.89
C LYS C 328 -0.90 12.77 4.29
N ASN C 329 -0.96 11.78 5.17
CA ASN C 329 -1.34 12.01 6.54
C ASN C 329 -0.22 12.09 7.54
N LYS C 330 1.00 11.96 7.07
CA LYS C 330 2.16 11.93 7.93
C LYS C 330 2.41 13.15 8.77
N ASN C 331 1.98 14.28 8.28
CA ASN C 331 2.18 15.50 8.99
C ASN C 331 1.01 15.93 9.83
N ASN C 332 0.05 15.06 9.94
CA ASN C 332 -1.13 15.31 10.77
C ASN C 332 -0.99 14.44 12.01
N ILE C 333 -0.80 15.07 13.17
CA ILE C 333 -0.57 14.33 14.40
C ILE C 333 -1.79 13.51 14.79
N CYS C 334 -2.99 13.92 14.35
CA CYS C 334 -4.19 13.15 14.66
C CYS C 334 -4.15 11.76 14.05
N SER C 335 -3.35 11.55 13.00
CA SER C 335 -3.23 10.22 12.40
C SER C 335 -2.57 9.23 13.33
N TYR C 336 -1.80 9.69 14.31
CA TYR C 336 -1.09 8.82 15.24
C TYR C 336 -1.87 8.54 16.51
N VAL C 337 -3.03 9.17 16.70
CA VAL C 337 -3.77 9.01 17.94
C VAL C 337 -4.38 7.62 18.05
N ASP C 338 -4.98 7.12 16.97
CA ASP C 338 -5.74 5.87 17.01
C ASP C 338 -4.96 4.72 16.40
N LEU C 339 -3.69 4.57 16.77
CA LEU C 339 -2.91 3.42 16.35
C LEU C 339 -1.89 3.07 17.43
N MET C 340 -1.25 1.92 17.24
CA MET C 340 -0.29 1.40 18.21
C MET C 340 1.16 1.61 17.80
N LEU C 341 1.50 1.36 16.53
CA LEU C 341 2.85 1.61 16.07
C LEU C 341 2.83 1.87 14.57
N VAL C 342 3.89 2.53 14.11
CA VAL C 342 4.10 2.85 12.69
C VAL C 342 5.53 2.48 12.32
N HIS C 343 5.68 1.83 11.17
CA HIS C 343 6.98 1.50 10.60
C HIS C 343 7.12 2.20 9.25
N SER C 344 8.20 2.95 9.07
CA SER C 344 9.24 3.16 10.07
C SER C 344 9.52 4.65 10.23
N ARG C 345 10.25 5.04 11.28
CA ARG C 345 10.53 6.44 11.56
C ARG C 345 11.99 6.61 11.98
N LYS C 346 12.58 7.73 11.58
CA LYS C 346 13.94 8.07 11.96
C LYS C 346 13.97 8.68 13.36
N PRO C 347 15.15 8.73 13.99
CA PRO C 347 15.22 9.28 15.36
C PRO C 347 14.58 10.65 15.52
N GLN C 348 14.85 11.59 14.61
CA GLN C 348 14.27 12.92 14.71
C GLN C 348 12.74 12.87 14.62
N GLU C 349 12.23 12.04 13.72
CA GLU C 349 10.78 11.94 13.54
C GLU C 349 10.10 11.37 14.78
N MET C 350 10.74 10.41 15.45
CA MET C 350 10.16 9.85 16.65
C MET C 350 9.99 10.90 17.74
N ILE C 351 11.02 11.73 17.95
CA ILE C 351 10.93 12.78 18.95
C ILE C 351 9.90 13.82 18.55
N ASP C 352 9.83 14.13 17.25
CA ASP C 352 8.91 15.15 16.77
C ASP C 352 7.46 14.69 16.90
N ILE C 353 7.18 13.45 16.50
CA ILE C 353 5.81 12.92 16.60
C ILE C 353 5.39 12.80 18.06
N TRP C 354 6.27 12.28 18.91
CA TRP C 354 5.94 12.14 20.33
C TRP C 354 5.65 13.48 20.98
N SER C 355 6.43 14.51 20.62
CA SER C 355 6.22 15.83 21.21
C SER C 355 4.87 16.40 20.81
N GLN C 356 4.51 16.28 19.53
CA GLN C 356 3.21 16.77 19.08
C GLN C 356 2.07 15.94 19.66
N LEU C 357 2.32 14.66 19.93
CA LEU C 357 1.28 13.77 20.43
C LEU C 357 0.80 14.16 21.83
N GLN C 358 1.64 14.84 22.62
CA GLN C 358 1.26 15.18 23.98
C GLN C 358 0.08 16.14 24.04
N SER C 359 -0.06 17.00 23.03
CA SER C 359 -1.17 17.94 22.96
C SER C 359 -2.20 17.54 21.90
N ALA C 360 -2.11 16.32 21.38
CA ALA C 360 -3.05 15.88 20.34
C ALA C 360 -4.48 15.86 20.85
N HIS C 361 -4.67 15.58 22.14
CA HIS C 361 -6.02 15.57 22.71
C HIS C 361 -6.68 16.94 22.70
N LEU C 362 -5.92 18.00 22.46
CA LEU C 362 -6.48 19.35 22.39
C LEU C 362 -6.97 19.71 21.00
N LYS C 363 -6.40 19.10 19.96
CA LYS C 363 -6.76 19.44 18.58
C LYS C 363 -7.31 18.27 17.78
N CYS C 364 -7.33 17.06 18.34
CA CYS C 364 -7.85 15.90 17.62
C CYS C 364 -9.11 15.35 18.28
N ALA D 24 18.33 36.79 -9.66
CA ALA D 24 18.57 35.86 -8.56
C ALA D 24 19.19 36.57 -7.36
N TYR D 25 18.78 36.15 -6.16
CA TYR D 25 19.19 36.86 -4.95
C TYR D 25 20.69 36.76 -4.71
N TRP D 26 21.25 35.54 -4.76
CA TRP D 26 22.65 35.36 -4.45
C TRP D 26 23.56 36.14 -5.41
N ASN D 27 23.22 36.14 -6.70
CA ASN D 27 24.04 36.85 -7.67
C ASN D 27 24.05 38.35 -7.41
N ARG D 28 22.88 38.92 -7.12
CA ARG D 28 22.81 40.34 -6.80
C ARG D 28 23.55 40.66 -5.50
N GLU D 29 23.41 39.82 -4.48
CA GLU D 29 24.10 40.09 -3.22
C GLU D 29 25.60 39.89 -3.34
N GLN D 30 26.02 38.92 -4.15
CA GLN D 30 27.46 38.72 -4.36
C GLN D 30 28.06 39.86 -5.17
N GLU D 31 27.32 40.39 -6.14
CA GLU D 31 27.82 41.50 -6.94
C GLU D 31 28.05 42.72 -6.07
N LYS D 32 27.15 42.98 -5.11
CA LYS D 32 27.37 44.04 -4.13
C LYS D 32 28.65 43.80 -3.35
N LEU D 33 28.91 42.54 -2.98
CA LEU D 33 30.12 42.21 -2.23
C LEU D 33 31.37 42.52 -3.04
N ASN D 34 31.35 42.21 -4.34
CA ASN D 34 32.49 42.51 -5.20
C ASN D 34 32.77 44.00 -5.23
N ARG D 35 31.72 44.83 -5.28
CA ARG D 35 31.91 46.28 -5.27
C ARG D 35 32.56 46.73 -3.97
N GLN D 36 32.21 46.09 -2.85
CA GLN D 36 32.79 46.44 -1.57
C GLN D 36 34.29 46.15 -1.52
N TYR D 37 34.70 45.01 -2.06
CA TYR D 37 36.09 44.57 -2.01
C TYR D 37 36.93 44.98 -3.21
N ASN D 38 36.34 45.59 -4.24
CA ASN D 38 37.05 45.98 -5.46
C ASN D 38 36.79 47.43 -5.80
N PRO D 39 37.62 48.35 -5.30
CA PRO D 39 37.39 49.78 -5.59
C PRO D 39 37.41 50.11 -7.07
N ILE D 40 38.06 49.30 -7.91
CA ILE D 40 38.07 49.56 -9.34
C ILE D 40 36.67 49.41 -9.95
N LEU D 41 35.78 48.71 -9.27
CA LEU D 41 34.39 48.56 -9.73
C LEU D 41 33.59 49.82 -9.44
N ILE D 57 24.94 47.23 6.95
CA ILE D 57 24.79 45.95 7.63
C ILE D 57 25.90 44.99 7.20
N SER D 58 26.65 44.50 8.17
CA SER D 58 27.74 43.57 7.88
C SER D 58 27.21 42.29 7.24
N HIS D 59 28.10 41.60 6.52
CA HIS D 59 27.79 40.33 5.90
C HIS D 59 28.50 39.16 6.59
N LEU D 60 29.21 39.44 7.69
CA LEU D 60 29.97 38.43 8.40
C LEU D 60 29.49 38.16 9.81
N ASN D 61 28.91 39.16 10.50
CA ASN D 61 28.50 38.95 11.88
C ASN D 61 27.13 39.56 12.19
N TYR D 62 26.27 39.76 11.19
CA TYR D 62 24.88 40.14 11.44
C TYR D 62 24.10 38.85 11.63
N CYS D 63 23.71 38.57 12.88
CA CYS D 63 23.14 37.27 13.22
C CYS D 63 21.69 37.32 13.66
N GLU D 64 21.01 38.46 13.48
CA GLU D 64 19.56 38.50 13.54
C GLU D 64 18.99 38.15 12.17
N PRO D 65 17.71 37.76 12.09
CA PRO D 65 17.12 37.44 10.78
C PRO D 65 17.15 38.64 9.84
N ASP D 66 17.61 38.38 8.61
CA ASP D 66 17.64 39.40 7.56
C ASP D 66 16.24 39.46 6.94
N LEU D 67 15.35 40.20 7.62
CA LEU D 67 13.95 40.28 7.24
C LEU D 67 13.74 40.86 5.86
N ARG D 68 14.77 41.47 5.27
CA ARG D 68 14.64 42.04 3.93
C ARG D 68 14.35 40.96 2.89
N VAL D 69 14.84 39.74 3.11
CA VAL D 69 14.71 38.68 2.11
C VAL D 69 13.24 38.31 1.90
N THR D 70 12.40 38.51 2.91
CA THR D 70 10.99 38.14 2.77
C THR D 70 10.24 39.03 1.79
N SER D 71 10.81 40.18 1.43
CA SER D 71 10.22 41.08 0.44
C SER D 71 10.97 41.14 -0.87
N VAL D 72 12.30 40.94 -0.85
CA VAL D 72 13.08 41.03 -2.08
C VAL D 72 13.07 39.72 -2.85
N VAL D 73 12.87 38.59 -2.17
CA VAL D 73 12.83 37.29 -2.82
C VAL D 73 11.38 36.99 -3.17
N THR D 74 11.06 37.00 -4.46
CA THR D 74 9.70 36.72 -4.90
C THR D 74 9.37 35.26 -4.66
N GLY D 75 8.19 35.00 -4.10
CA GLY D 75 7.83 33.65 -3.75
C GLY D 75 8.55 33.10 -2.54
N PHE D 76 9.08 33.98 -1.69
CA PHE D 76 9.82 33.55 -0.51
C PHE D 76 8.99 32.66 0.39
N ASN D 77 7.72 33.04 0.62
CA ASN D 77 6.89 32.31 1.56
C ASN D 77 6.64 30.88 1.10
N ASN D 78 6.71 30.62 -0.22
CA ASN D 78 6.48 29.30 -0.76
C ASN D 78 7.77 28.49 -0.90
N LEU D 79 8.91 29.03 -0.47
CA LEU D 79 10.17 28.31 -0.54
C LEU D 79 10.28 27.30 0.60
N PRO D 80 11.00 26.19 0.36
CA PRO D 80 11.26 25.24 1.45
C PRO D 80 11.97 25.89 2.62
N ASP D 81 11.79 25.30 3.81
CA ASP D 81 12.31 25.90 5.04
C ASP D 81 13.82 26.05 5.00
N ARG D 82 14.54 25.13 4.34
CA ARG D 82 15.99 25.23 4.29
C ARG D 82 16.44 26.45 3.52
N PHE D 83 15.68 26.87 2.51
CA PHE D 83 16.01 28.10 1.80
C PHE D 83 15.67 29.33 2.63
N LYS D 84 14.54 29.29 3.34
CA LYS D 84 14.19 30.39 4.23
C LYS D 84 15.27 30.58 5.29
N ASP D 85 15.71 29.48 5.92
CA ASP D 85 16.76 29.58 6.92
C ASP D 85 18.07 30.06 6.30
N PHE D 86 18.38 29.60 5.09
CA PHE D 86 19.61 30.04 4.43
C PHE D 86 19.60 31.54 4.16
N LEU D 87 18.49 32.05 3.62
CA LEU D 87 18.43 33.46 3.26
C LEU D 87 18.39 34.36 4.48
N LEU D 88 17.69 33.93 5.54
CA LEU D 88 17.52 34.79 6.70
C LEU D 88 18.82 34.96 7.50
N TYR D 89 19.70 33.96 7.47
CA TYR D 89 20.90 33.99 8.30
C TYR D 89 22.17 33.88 7.47
N LEU D 90 22.12 34.30 6.20
CA LEU D 90 23.28 34.24 5.33
C LEU D 90 24.44 35.08 5.84
N ARG D 91 24.14 36.18 6.53
CA ARG D 91 25.15 37.16 6.90
C ARG D 91 25.81 36.89 8.25
N CYS D 92 25.61 35.70 8.82
CA CYS D 92 26.20 35.33 10.10
C CYS D 92 27.16 34.18 9.88
N ARG D 93 28.42 34.35 10.29
CA ARG D 93 29.36 33.24 10.23
C ARG D 93 30.41 33.27 11.34
N ASN D 94 30.25 34.09 12.38
CA ASN D 94 31.20 34.13 13.49
C ASN D 94 30.74 33.21 14.62
N TYR D 95 30.76 31.92 14.32
CA TYR D 95 30.39 30.89 15.28
C TYR D 95 31.63 30.38 16.00
N SER D 96 31.45 29.97 17.25
CA SER D 96 32.56 29.62 18.13
C SER D 96 32.83 28.13 18.11
N LEU D 97 34.08 27.78 18.44
CA LEU D 97 34.52 26.39 18.53
C LEU D 97 34.24 25.85 19.93
N LEU D 98 33.34 24.87 20.01
CA LEU D 98 32.99 24.29 21.30
C LEU D 98 33.91 23.14 21.71
N ILE D 99 34.32 22.32 20.75
CA ILE D 99 35.26 21.23 21.00
C ILE D 99 36.43 21.39 20.05
N ASP D 100 37.63 21.57 20.61
CA ASP D 100 38.84 21.80 19.85
C ASP D 100 39.85 20.69 20.14
N GLN D 101 40.76 20.48 19.18
CA GLN D 101 41.93 19.62 19.34
C GLN D 101 43.15 20.50 19.04
N PRO D 102 43.54 21.37 19.99
CA PRO D 102 44.56 22.38 19.68
C PRO D 102 45.93 21.82 19.37
N ASP D 103 46.22 20.58 19.73
CA ASP D 103 47.53 19.98 19.50
C ASP D 103 47.50 18.98 18.35
N LYS D 104 46.47 19.03 17.51
CA LYS D 104 46.36 18.10 16.38
C LYS D 104 47.58 18.18 15.46
N CYS D 105 48.10 19.39 15.24
CA CYS D 105 49.21 19.61 14.33
C CYS D 105 50.47 20.07 15.06
N ALA D 106 50.71 19.52 16.25
CA ALA D 106 51.93 19.84 16.99
C ALA D 106 53.18 19.48 16.17
N LYS D 107 53.12 18.38 15.43
CA LYS D 107 54.12 18.06 14.42
C LYS D 107 53.56 18.41 13.05
N LYS D 108 54.36 19.11 12.24
CA LYS D 108 53.96 19.55 10.90
C LYS D 108 53.44 18.37 10.09
N PRO D 109 52.14 18.33 9.79
CA PRO D 109 51.60 17.19 9.05
C PRO D 109 51.96 17.27 7.58
N PHE D 110 52.18 16.09 6.98
CA PHE D 110 52.27 16.01 5.53
C PHE D 110 50.88 16.03 4.89
N LEU D 111 49.91 15.40 5.54
CA LEU D 111 48.55 15.32 5.03
C LEU D 111 47.58 15.40 6.19
N LEU D 112 46.65 16.35 6.12
CA LEU D 112 45.60 16.52 7.11
C LEU D 112 44.31 15.92 6.56
N LEU D 113 43.75 14.95 7.29
CA LEU D 113 42.47 14.36 6.94
C LEU D 113 41.36 15.07 7.70
N ALA D 114 40.44 15.69 6.96
CA ALA D 114 39.31 16.42 7.52
C ALA D 114 38.04 15.80 6.97
N ILE D 115 37.26 15.18 7.85
CA ILE D 115 36.10 14.38 7.45
C ILE D 115 34.85 15.06 7.99
N LYS D 116 33.92 15.38 7.10
CA LYS D 116 32.64 15.96 7.50
C LYS D 116 31.74 14.88 8.07
N SER D 117 31.12 15.15 9.22
CA SER D 117 30.31 14.15 9.89
C SER D 117 29.21 14.83 10.69
N LEU D 118 28.24 14.01 11.13
CA LEU D 118 27.16 14.43 12.00
C LEU D 118 27.28 13.69 13.33
N THR D 119 26.76 14.31 14.39
CA THR D 119 26.83 13.74 15.75
C THR D 119 26.50 12.26 15.83
N PRO D 120 25.38 11.75 15.28
CA PRO D 120 25.04 10.33 15.48
C PRO D 120 25.89 9.37 14.67
N HIS D 121 26.81 9.84 13.82
CA HIS D 121 27.56 8.97 12.93
C HIS D 121 28.75 8.32 13.65
N PHE D 122 28.49 7.65 14.77
CA PHE D 122 29.57 7.05 15.54
C PHE D 122 30.23 5.90 14.78
N ALA D 123 29.44 5.07 14.11
CA ALA D 123 30.00 3.92 13.41
C ALA D 123 30.85 4.36 12.23
N ARG D 124 30.42 5.39 11.50
CA ARG D 124 31.21 5.88 10.36
C ARG D 124 32.57 6.40 10.83
N ARG D 125 32.59 7.19 11.90
CA ARG D 125 33.84 7.77 12.37
C ARG D 125 34.79 6.68 12.88
N GLN D 126 34.27 5.70 13.62
CA GLN D 126 35.14 4.65 14.17
C GLN D 126 35.72 3.78 13.06
N ALA D 127 34.91 3.45 12.05
CA ALA D 127 35.41 2.66 10.94
C ALA D 127 36.50 3.41 10.16
N ILE D 128 36.36 4.73 10.04
CA ILE D 128 37.38 5.52 9.38
C ILE D 128 38.66 5.52 10.21
N ARG D 129 38.53 5.67 11.53
CA ARG D 129 39.70 5.61 12.41
C ARG D 129 40.48 4.31 12.23
N GLU D 130 39.78 3.19 12.08
CA GLU D 130 40.43 1.90 12.00
C GLU D 130 40.92 1.55 10.61
N SER D 131 40.43 2.23 9.57
CA SER D 131 40.77 1.86 8.20
C SER D 131 41.63 2.94 7.54
N TRP D 132 41.05 3.67 6.58
CA TRP D 132 41.84 4.61 5.78
C TRP D 132 42.16 5.91 6.50
N GLY D 133 41.51 6.19 7.63
CA GLY D 133 41.75 7.42 8.36
C GLY D 133 42.74 7.29 9.48
N GLN D 134 43.52 6.22 9.49
CA GLN D 134 44.55 6.04 10.51
C GLN D 134 45.56 7.18 10.47
N GLU D 135 45.95 7.65 11.64
CA GLU D 135 47.07 8.57 11.75
C GLU D 135 48.37 7.78 11.69
N SER D 136 49.39 8.36 11.06
CA SER D 136 50.61 7.61 10.76
C SER D 136 51.80 8.55 10.72
N ASN D 137 52.98 7.95 10.58
CA ASN D 137 54.26 8.67 10.52
C ASN D 137 55.13 8.08 9.42
N GLN D 141 56.52 11.41 7.48
CA GLN D 141 55.37 12.02 6.81
C GLN D 141 54.11 11.80 7.65
N THR D 142 53.83 12.78 8.51
CA THR D 142 52.74 12.68 9.47
C THR D 142 51.39 12.83 8.79
N VAL D 143 50.47 11.92 9.11
CA VAL D 143 49.07 12.01 8.69
C VAL D 143 48.22 12.17 9.94
N VAL D 144 47.39 13.22 9.96
CA VAL D 144 46.53 13.51 11.11
C VAL D 144 45.09 13.56 10.64
N ARG D 145 44.17 13.42 11.60
CA ARG D 145 42.76 13.24 11.32
C ARG D 145 41.91 14.15 12.21
N VAL D 146 40.92 14.81 11.61
CA VAL D 146 39.92 15.56 12.34
C VAL D 146 38.55 15.28 11.73
N PHE D 147 37.52 15.24 12.58
CA PHE D 147 36.14 15.18 12.14
C PHE D 147 35.47 16.53 12.38
N LEU D 148 34.70 16.98 11.40
CA LEU D 148 34.11 18.33 11.40
C LEU D 148 32.62 18.21 11.70
N LEU D 149 32.22 18.74 12.85
CA LEU D 149 30.84 18.61 13.31
C LEU D 149 30.26 19.99 13.65
N GLY D 150 28.97 20.13 13.39
CA GLY D 150 28.17 21.19 13.95
C GLY D 150 27.27 20.67 15.05
N GLN D 151 26.24 21.45 15.37
CA GLN D 151 25.29 21.08 16.41
C GLN D 151 24.12 20.29 15.82
N THR D 152 23.64 19.30 16.57
CA THR D 152 22.38 18.64 16.30
C THR D 152 21.44 18.98 17.46
N PRO D 153 20.82 20.16 17.45
CA PRO D 153 20.21 20.69 18.67
C PRO D 153 18.90 20.00 18.99
N PRO D 154 18.50 19.96 20.27
CA PRO D 154 17.21 19.38 20.63
C PRO D 154 16.02 20.12 20.04
N GLU D 155 16.17 21.42 19.78
CA GLU D 155 15.08 22.20 19.20
C GLU D 155 14.66 21.71 17.82
N ASP D 156 15.57 21.02 17.12
CA ASP D 156 15.25 20.36 15.87
C ASP D 156 14.90 18.90 16.06
N ASN D 157 14.50 18.50 17.27
CA ASN D 157 14.05 17.16 17.61
C ASN D 157 15.16 16.12 17.52
N HIS D 158 16.42 16.54 17.55
CA HIS D 158 17.53 15.59 17.56
C HIS D 158 17.63 14.90 18.90
N PRO D 159 17.97 13.61 18.93
CA PRO D 159 18.27 12.95 20.21
C PRO D 159 19.52 13.54 20.85
N ASP D 160 19.50 13.64 22.16
CA ASP D 160 20.60 14.24 22.91
C ASP D 160 21.72 13.22 23.00
N LEU D 161 22.73 13.37 22.14
CA LEU D 161 23.93 12.53 22.15
C LEU D 161 25.16 13.30 22.58
N SER D 162 24.99 14.39 23.34
CA SER D 162 26.12 15.27 23.66
C SER D 162 27.11 14.58 24.57
N ASP D 163 26.64 13.83 25.57
CA ASP D 163 27.56 13.15 26.48
C ASP D 163 28.33 12.05 25.76
N MET D 164 27.68 11.32 24.85
CA MET D 164 28.39 10.34 24.04
C MET D 164 29.46 11.00 23.18
N LEU D 165 29.14 12.16 22.60
CA LEU D 165 30.12 12.84 21.74
C LEU D 165 31.31 13.33 22.56
N LYS D 166 31.06 13.80 23.79
CA LYS D 166 32.16 14.21 24.66
C LYS D 166 33.03 13.01 25.03
N PHE D 167 32.41 11.88 25.31
CA PHE D 167 33.18 10.65 25.57
C PHE D 167 34.02 10.28 24.36
N GLU D 168 33.43 10.35 23.16
CA GLU D 168 34.19 10.07 21.94
C GLU D 168 35.34 11.05 21.76
N SER D 169 35.08 12.34 22.00
CA SER D 169 36.12 13.35 21.83
C SER D 169 37.27 13.13 22.81
N GLU D 170 36.93 12.87 24.08
CA GLU D 170 37.97 12.61 25.08
C GLU D 170 38.76 11.35 24.77
N LYS D 171 38.11 10.35 24.15
CA LYS D 171 38.80 9.08 23.89
C LYS D 171 39.71 9.17 22.68
N HIS D 172 39.23 9.76 21.58
CA HIS D 172 39.97 9.71 20.31
C HIS D 172 40.63 11.02 19.95
N GLN D 173 40.27 12.13 20.61
CA GLN D 173 40.97 13.40 20.45
C GLN D 173 41.00 13.87 19.00
N ASP D 174 39.87 13.68 18.30
CA ASP D 174 39.81 14.04 16.89
C ASP D 174 38.49 14.71 16.51
N ILE D 175 37.77 15.31 17.45
CA ILE D 175 36.48 15.93 17.21
C ILE D 175 36.65 17.44 17.21
N LEU D 176 36.25 18.09 16.11
CA LEU D 176 36.09 19.54 16.05
C LEU D 176 34.61 19.84 15.89
N MET D 177 34.04 20.61 16.82
CA MET D 177 32.62 20.89 16.85
C MET D 177 32.38 22.37 17.08
N TRP D 178 31.59 22.98 16.19
CA TRP D 178 31.24 24.40 16.25
C TRP D 178 29.79 24.56 16.68
N ASN D 179 29.46 25.76 17.17
CA ASN D 179 28.13 26.04 17.73
C ASN D 179 27.20 26.63 16.66
N TYR D 180 26.93 25.84 15.64
CA TYR D 180 25.96 26.21 14.61
C TYR D 180 25.15 24.98 14.23
N ARG D 181 24.02 25.24 13.59
CA ARG D 181 23.09 24.18 13.19
C ARG D 181 23.67 23.40 12.03
N ASP D 182 24.01 22.13 12.27
CA ASP D 182 24.67 21.29 11.26
C ASP D 182 23.61 20.77 10.30
N THR D 183 23.54 21.36 9.11
CA THR D 183 22.58 20.99 8.08
C THR D 183 23.30 20.98 6.74
N PHE D 184 22.62 20.42 5.73
CA PHE D 184 23.20 20.38 4.38
C PHE D 184 23.49 21.79 3.87
N PHE D 185 22.56 22.72 4.06
CA PHE D 185 22.73 24.07 3.54
C PHE D 185 23.68 24.91 4.39
N ASN D 186 24.13 24.39 5.53
CA ASN D 186 25.15 25.05 6.34
C ASN D 186 26.53 24.41 6.16
N LEU D 187 26.69 23.55 5.15
CA LEU D 187 27.98 22.88 4.96
C LEU D 187 29.05 23.83 4.44
N SER D 188 28.67 24.86 3.68
CA SER D 188 29.65 25.87 3.31
C SER D 188 30.13 26.64 4.54
N LEU D 189 29.26 26.78 5.54
CA LEU D 189 29.70 27.30 6.83
C LEU D 189 30.68 26.34 7.49
N LYS D 190 30.42 25.03 7.42
CA LYS D 190 31.39 24.05 7.89
C LYS D 190 32.72 24.20 7.18
N GLU D 191 32.68 24.48 5.87
CA GLU D 191 33.90 24.71 5.10
C GLU D 191 34.65 25.92 5.60
N VAL D 192 33.95 27.05 5.77
CA VAL D 192 34.60 28.29 6.18
C VAL D 192 35.21 28.14 7.57
N LEU D 193 34.46 27.54 8.51
CA LEU D 193 34.95 27.41 9.86
C LEU D 193 36.13 26.45 9.94
N PHE D 194 36.15 25.40 9.11
CA PHE D 194 37.31 24.51 9.08
C PHE D 194 38.53 25.24 8.53
N LEU D 195 38.37 26.01 7.45
CA LEU D 195 39.49 26.78 6.92
C LEU D 195 39.99 27.79 7.94
N ARG D 196 39.09 28.36 8.75
CA ARG D 196 39.52 29.21 9.85
C ARG D 196 40.37 28.43 10.84
N TRP D 197 39.95 27.21 11.18
CA TRP D 197 40.73 26.40 12.11
C TRP D 197 42.10 26.06 11.54
N VAL D 198 42.17 25.78 10.24
CA VAL D 198 43.46 25.50 9.62
C VAL D 198 44.38 26.71 9.71
N SER D 199 43.83 27.91 9.49
CA SER D 199 44.65 29.11 9.52
C SER D 199 45.18 29.39 10.93
N THR D 200 44.40 29.05 11.96
CA THR D 200 44.78 29.34 13.33
C THR D 200 45.51 28.19 14.01
N SER D 201 45.17 26.95 13.66
CA SER D 201 45.66 25.79 14.41
C SER D 201 46.46 24.79 13.58
N CYS D 202 46.45 24.88 12.26
CA CYS D 202 47.23 23.94 11.46
C CYS D 202 47.77 24.58 10.18
N PRO D 203 48.41 25.74 10.24
CA PRO D 203 48.75 26.46 9.00
C PRO D 203 49.89 25.84 8.21
N ASP D 204 50.67 24.94 8.79
CA ASP D 204 51.86 24.41 8.14
C ASP D 204 51.68 23.00 7.59
N THR D 205 50.47 22.46 7.61
CA THR D 205 50.26 21.15 7.00
C THR D 205 50.52 21.24 5.50
N GLU D 206 51.23 20.25 4.96
CA GLU D 206 51.65 20.32 3.56
C GLU D 206 50.46 20.17 2.62
N PHE D 207 49.55 19.25 2.92
CA PHE D 207 48.40 19.01 2.07
C PHE D 207 47.17 18.75 2.94
N VAL D 208 46.00 18.92 2.34
CA VAL D 208 44.72 18.72 3.03
C VAL D 208 43.84 17.85 2.14
N PHE D 209 43.22 16.84 2.73
CA PHE D 209 42.13 16.11 2.12
C PHE D 209 40.86 16.39 2.91
N LYS D 210 39.84 16.88 2.23
CA LYS D 210 38.51 17.08 2.81
C LYS D 210 37.53 16.13 2.11
N GLY D 211 36.81 15.34 2.90
CA GLY D 211 35.93 14.34 2.34
C GLY D 211 34.80 14.01 3.28
N ASP D 212 33.93 13.11 2.81
CA ASP D 212 32.74 12.69 3.54
C ASP D 212 33.02 11.42 4.34
N ASP D 213 32.16 11.17 5.33
CA ASP D 213 32.33 10.01 6.20
C ASP D 213 31.65 8.76 5.66
N ASP D 214 31.27 8.76 4.38
CA ASP D 214 30.70 7.57 3.74
C ASP D 214 31.47 7.16 2.49
N VAL D 215 32.71 7.63 2.35
CA VAL D 215 33.53 7.26 1.20
C VAL D 215 34.71 6.44 1.68
N PHE D 216 35.17 5.53 0.82
CA PHE D 216 36.43 4.85 1.04
C PHE D 216 37.53 5.62 0.32
N VAL D 217 38.66 5.81 1.00
CA VAL D 217 39.77 6.58 0.46
C VAL D 217 41.01 5.70 0.44
N ASN D 218 41.65 5.60 -0.72
CA ASN D 218 42.92 4.89 -0.83
C ASN D 218 44.02 5.87 -0.41
N THR D 219 44.28 5.91 0.90
CA THR D 219 45.23 6.89 1.42
C THR D 219 46.66 6.60 0.95
N HIS D 220 47.00 5.33 0.76
CA HIS D 220 48.32 4.99 0.22
C HIS D 220 48.49 5.57 -1.19
N HIS D 221 47.48 5.39 -2.05
CA HIS D 221 47.54 5.93 -3.40
C HIS D 221 47.65 7.45 -3.37
N ILE D 222 46.95 8.10 -2.44
CA ILE D 222 47.02 9.56 -2.34
C ILE D 222 48.43 10.01 -1.98
N LEU D 223 49.06 9.34 -1.02
CA LEU D 223 50.42 9.69 -0.63
C LEU D 223 51.39 9.50 -1.79
N ASN D 224 51.24 8.40 -2.53
CA ASN D 224 52.11 8.16 -3.69
C ASN D 224 51.93 9.25 -4.74
N TYR D 225 50.69 9.71 -4.94
CA TYR D 225 50.46 10.79 -5.90
C TYR D 225 51.11 12.09 -5.42
N LEU D 226 50.94 12.42 -4.14
CA LEU D 226 51.52 13.64 -3.60
C LEU D 226 53.04 13.61 -3.69
N ASN D 227 53.65 12.44 -3.45
CA ASN D 227 55.10 12.34 -3.51
C ASN D 227 55.65 12.49 -4.92
N SER D 228 54.79 12.39 -5.94
CA SER D 228 55.22 12.55 -7.32
C SER D 228 55.10 14.00 -7.79
N LEU D 229 54.61 14.90 -6.95
CA LEU D 229 54.40 16.29 -7.34
C LEU D 229 55.67 17.11 -7.15
N SER D 230 56.03 17.88 -8.16
CA SER D 230 57.01 18.93 -7.98
C SER D 230 56.45 20.02 -7.07
N LYS D 231 57.33 20.81 -6.48
CA LYS D 231 56.87 21.90 -5.63
C LYS D 231 56.01 22.89 -6.41
N THR D 232 56.29 23.05 -7.70
CA THR D 232 55.49 23.94 -8.54
C THR D 232 54.03 23.45 -8.61
N LYS D 233 53.84 22.17 -8.94
CA LYS D 233 52.47 21.66 -9.02
C LYS D 233 51.82 21.58 -7.64
N ALA D 234 52.63 21.40 -6.58
CA ALA D 234 52.08 21.25 -5.24
C ALA D 234 51.60 22.56 -4.65
N LYS D 235 52.12 23.71 -5.11
CA LYS D 235 51.83 24.97 -4.44
C LYS D 235 50.35 25.32 -4.54
N ASP D 236 49.73 25.10 -5.71
CA ASP D 236 48.34 25.42 -5.93
C ASP D 236 47.54 24.18 -6.33
N LEU D 237 47.91 23.03 -5.78
CA LEU D 237 47.19 21.80 -6.07
C LEU D 237 45.74 21.90 -5.62
N PHE D 238 44.83 21.52 -6.52
CA PHE D 238 43.43 21.28 -6.14
C PHE D 238 42.86 20.33 -7.17
N ILE D 239 42.60 19.09 -6.77
CA ILE D 239 42.12 18.06 -7.68
C ILE D 239 40.92 17.36 -7.05
N GLY D 240 40.09 16.77 -7.91
CA GLY D 240 38.92 16.05 -7.46
C GLY D 240 38.09 15.65 -8.65
N ASP D 241 36.81 15.38 -8.40
CA ASP D 241 35.86 15.15 -9.50
C ASP D 241 35.30 16.50 -9.90
N VAL D 242 36.02 17.16 -10.80
CA VAL D 242 35.69 18.53 -11.20
C VAL D 242 34.77 18.49 -12.41
N ILE D 243 33.68 19.27 -12.36
CA ILE D 243 32.75 19.40 -13.46
C ILE D 243 32.73 20.85 -13.91
N HIS D 244 32.75 21.05 -15.22
CA HIS D 244 32.71 22.37 -15.82
C HIS D 244 31.32 22.65 -16.38
N ASN D 245 30.94 23.94 -16.37
CA ASN D 245 29.70 24.40 -16.98
C ASN D 245 28.47 23.75 -16.36
N ALA D 246 28.57 23.35 -15.10
CA ALA D 246 27.42 22.83 -14.39
C ALA D 246 26.47 23.97 -14.02
N GLY D 247 25.20 23.60 -13.83
CA GLY D 247 24.18 24.56 -13.49
C GLY D 247 23.35 24.10 -12.31
N PRO D 248 22.57 25.03 -11.73
CA PRO D 248 21.73 24.65 -10.60
C PRO D 248 20.57 23.78 -11.06
N HIS D 249 20.28 22.75 -10.27
CA HIS D 249 19.14 21.88 -10.57
C HIS D 249 17.84 22.63 -10.33
N ARG D 250 17.00 22.68 -11.36
CA ARG D 250 15.70 23.34 -11.27
C ARG D 250 14.59 22.36 -10.94
N ASP D 251 14.90 21.07 -10.85
CA ASP D 251 13.91 20.05 -10.51
C ASP D 251 13.64 20.11 -9.01
N LYS D 252 12.40 20.46 -8.63
CA LYS D 252 12.06 20.67 -7.24
C LYS D 252 12.24 19.43 -6.38
N LYS D 253 12.29 18.24 -6.99
CA LYS D 253 12.41 17.00 -6.23
C LYS D 253 13.85 16.57 -5.99
N LEU D 254 14.83 17.24 -6.60
CA LEU D 254 16.21 16.82 -6.45
C LEU D 254 16.81 17.34 -5.15
N LYS D 255 17.83 16.62 -4.67
CA LYS D 255 18.45 16.96 -3.40
C LYS D 255 19.13 18.33 -3.45
N TYR D 256 19.75 18.65 -4.57
CA TYR D 256 20.50 19.89 -4.73
C TYR D 256 19.75 20.89 -5.60
N TYR D 257 18.41 20.88 -5.51
CA TYR D 257 17.58 21.85 -6.21
C TYR D 257 17.89 23.27 -5.73
N ILE D 258 17.99 24.20 -6.69
CA ILE D 258 18.20 25.60 -6.39
C ILE D 258 17.23 26.40 -7.27
N PRO D 259 16.36 27.22 -6.67
CA PRO D 259 15.41 27.98 -7.50
C PRO D 259 16.10 29.06 -8.30
N GLU D 260 15.43 29.47 -9.38
CA GLU D 260 15.96 30.54 -10.22
C GLU D 260 16.02 31.85 -9.45
N VAL D 261 15.13 32.02 -8.45
CA VAL D 261 15.13 33.24 -7.66
C VAL D 261 16.31 33.30 -6.70
N VAL D 262 16.97 32.18 -6.43
CA VAL D 262 18.10 32.15 -5.52
C VAL D 262 19.42 32.31 -6.26
N TYR D 263 19.62 31.55 -7.34
CA TYR D 263 20.86 31.59 -8.08
C TYR D 263 20.54 31.44 -9.56
N SER D 264 21.14 32.30 -10.38
CA SER D 264 20.95 32.28 -11.83
C SER D 264 22.29 32.05 -12.51
N GLY D 265 22.24 31.52 -13.72
CA GLY D 265 23.44 31.26 -14.48
C GLY D 265 24.03 29.90 -14.15
N LEU D 266 25.30 29.75 -14.48
CA LEU D 266 26.00 28.50 -14.29
C LEU D 266 26.92 28.56 -13.07
N TYR D 267 27.33 27.38 -12.61
CA TYR D 267 28.30 27.25 -11.53
C TYR D 267 29.71 27.39 -12.06
N PRO D 268 30.64 27.86 -11.24
CA PRO D 268 32.05 27.80 -11.61
C PRO D 268 32.53 26.36 -11.57
N PRO D 269 33.71 26.07 -12.15
CA PRO D 269 34.26 24.72 -12.01
C PRO D 269 34.46 24.38 -10.54
N TYR D 270 34.01 23.19 -10.15
CA TYR D 270 34.07 22.79 -8.75
C TYR D 270 34.25 21.28 -8.67
N ALA D 271 34.97 20.86 -7.62
CA ALA D 271 35.14 19.45 -7.31
C ALA D 271 34.11 19.05 -6.27
N GLY D 272 33.31 18.02 -6.59
CA GLY D 272 32.34 17.52 -5.64
C GLY D 272 32.27 16.00 -5.60
N GLY D 273 31.21 15.47 -5.03
CA GLY D 273 30.93 14.06 -5.08
C GLY D 273 31.56 13.21 -3.99
N GLY D 274 32.24 13.82 -3.02
CA GLY D 274 32.71 13.04 -1.90
C GLY D 274 34.06 13.43 -1.32
N GLY D 275 34.87 14.17 -2.08
CA GLY D 275 36.16 14.59 -1.57
C GLY D 275 37.08 15.24 -2.57
N PHE D 276 38.02 16.05 -2.08
CA PHE D 276 39.04 16.65 -2.93
C PHE D 276 40.31 16.85 -2.12
N LEU D 277 41.41 17.11 -2.83
CA LEU D 277 42.74 17.15 -2.24
C LEU D 277 43.44 18.43 -2.68
N TYR D 278 44.05 19.13 -1.73
CA TYR D 278 44.69 20.40 -2.02
C TYR D 278 45.80 20.66 -1.02
N SER D 279 46.62 21.67 -1.32
CA SER D 279 47.77 22.01 -0.49
C SER D 279 47.35 22.90 0.68
N GLY D 280 48.14 22.84 1.75
CA GLY D 280 47.91 23.74 2.87
C GLY D 280 48.15 25.19 2.52
N HIS D 281 49.08 25.45 1.59
CA HIS D 281 49.28 26.80 1.10
C HIS D 281 48.01 27.36 0.46
N LEU D 282 47.34 26.53 -0.36
CA LEU D 282 46.08 26.97 -0.97
C LEU D 282 44.97 27.08 0.06
N ALA D 283 45.00 26.25 1.10
CA ALA D 283 44.00 26.35 2.17
C ALA D 283 44.05 27.70 2.85
N LEU D 284 45.25 28.23 3.08
CA LEU D 284 45.38 29.54 3.72
C LEU D 284 44.87 30.66 2.80
N ARG D 285 45.21 30.59 1.51
CA ARG D 285 44.66 31.55 0.56
C ARG D 285 43.15 31.41 0.47
N LEU D 286 42.65 30.17 0.55
CA LEU D 286 41.21 29.95 0.47
C LEU D 286 40.49 30.63 1.62
N TYR D 287 40.97 30.42 2.85
CA TYR D 287 40.29 31.04 4.00
C TYR D 287 40.32 32.56 3.90
N HIS D 288 41.45 33.12 3.47
CA HIS D 288 41.56 34.57 3.37
C HIS D 288 40.51 35.16 2.43
N ILE D 289 40.16 34.43 1.37
CA ILE D 289 39.21 34.94 0.38
C ILE D 289 37.76 34.68 0.75
N THR D 290 37.49 33.83 1.75
CA THR D 290 36.11 33.47 2.07
C THR D 290 35.26 34.68 2.44
N ASP D 291 35.85 35.69 3.08
CA ASP D 291 35.11 36.90 3.43
C ASP D 291 34.49 37.55 2.19
N GLN D 292 35.09 37.37 1.02
CA GLN D 292 34.64 38.03 -0.19
C GLN D 292 33.62 37.22 -0.98
N VAL D 293 33.20 36.06 -0.46
CA VAL D 293 32.25 35.20 -1.15
C VAL D 293 31.12 34.88 -0.19
N HIS D 294 29.88 35.21 -0.59
CA HIS D 294 28.73 34.85 0.22
C HIS D 294 28.58 33.33 0.31
N LEU D 295 28.15 32.86 1.49
CA LEU D 295 27.88 31.45 1.67
C LEU D 295 26.86 30.97 0.63
N TYR D 296 26.96 29.69 0.27
CA TYR D 296 26.09 29.09 -0.72
C TYR D 296 25.55 27.77 -0.17
N PRO D 297 24.32 27.40 -0.52
CA PRO D 297 23.71 26.20 0.09
C PRO D 297 24.44 24.90 -0.23
N ILE D 298 25.29 24.89 -1.26
CA ILE D 298 26.07 23.71 -1.63
C ILE D 298 27.54 24.02 -1.35
N ASP D 299 28.14 23.26 -0.43
CA ASP D 299 29.48 23.59 0.04
C ASP D 299 30.52 23.46 -1.06
N ASP D 300 30.41 22.41 -1.89
CA ASP D 300 31.42 22.18 -2.91
C ASP D 300 31.38 23.25 -4.00
N VAL D 301 30.20 23.80 -4.28
CA VAL D 301 30.10 24.91 -5.23
C VAL D 301 30.70 26.17 -4.61
N TYR D 302 30.52 26.35 -3.29
CA TYR D 302 31.12 27.50 -2.61
C TYR D 302 32.63 27.46 -2.71
N THR D 303 33.23 26.27 -2.55
CA THR D 303 34.68 26.14 -2.67
C THR D 303 35.13 26.48 -4.08
N GLY D 304 34.39 26.04 -5.09
CA GLY D 304 34.71 26.41 -6.46
C GLY D 304 34.63 27.91 -6.70
N MET D 305 33.68 28.58 -6.03
CA MET D 305 33.60 30.03 -6.12
C MET D 305 34.83 30.71 -5.53
N CYS D 306 35.32 30.19 -4.39
CA CYS D 306 36.52 30.75 -3.78
C CYS D 306 37.74 30.54 -4.68
N LEU D 307 37.87 29.35 -5.28
CA LEU D 307 38.98 29.10 -6.18
C LEU D 307 38.96 30.04 -7.38
N GLN D 308 37.77 30.26 -7.95
CA GLN D 308 37.67 31.17 -9.09
C GLN D 308 38.04 32.60 -8.70
N LYS D 309 37.68 33.00 -7.49
CA LYS D 309 38.03 34.35 -7.02
C LYS D 309 39.53 34.48 -6.81
N LEU D 310 40.22 33.37 -6.50
CA LEU D 310 41.67 33.37 -6.43
C LEU D 310 42.33 33.31 -7.79
N GLY D 311 41.56 33.13 -8.86
CA GLY D 311 42.12 32.96 -10.18
C GLY D 311 42.59 31.57 -10.50
N LEU D 312 42.08 30.55 -9.80
CA LEU D 312 42.49 29.16 -10.01
C LEU D 312 41.32 28.34 -10.52
N VAL D 313 41.65 27.30 -11.27
CA VAL D 313 40.67 26.39 -11.85
C VAL D 313 41.01 24.98 -11.36
N PRO D 314 40.13 24.31 -10.61
CA PRO D 314 40.44 22.95 -10.14
C PRO D 314 40.50 21.95 -11.29
N GLU D 315 41.38 20.96 -11.12
CA GLU D 315 41.66 19.97 -12.15
C GLU D 315 40.98 18.65 -11.80
N LYS D 316 40.31 18.05 -12.79
CA LYS D 316 39.71 16.74 -12.59
C LYS D 316 40.76 15.66 -12.58
N HIS D 317 40.64 14.72 -11.63
CA HIS D 317 41.50 13.55 -11.55
C HIS D 317 40.60 12.32 -11.56
N LYS D 318 40.89 11.38 -12.47
CA LYS D 318 40.00 10.25 -12.70
C LYS D 318 39.90 9.33 -11.50
N GLY D 319 40.82 9.43 -10.53
CA GLY D 319 40.78 8.55 -9.39
C GLY D 319 39.65 8.83 -8.42
N PHE D 320 38.97 9.97 -8.56
CA PHE D 320 37.84 10.31 -7.71
C PHE D 320 36.58 9.76 -8.37
N ARG D 321 36.21 8.54 -8.00
CA ARG D 321 35.05 7.85 -8.57
C ARG D 321 33.84 8.13 -7.66
N THR D 322 33.28 9.32 -7.83
CA THR D 322 32.17 9.77 -7.00
C THR D 322 30.86 9.10 -7.37
N PHE D 323 30.79 8.44 -8.52
CA PHE D 323 29.62 7.67 -8.92
C PHE D 323 29.89 6.18 -8.82
N ASP D 324 30.78 5.79 -7.90
CA ASP D 324 31.12 4.39 -7.63
C ASP D 324 31.74 3.72 -8.84
N ILE D 325 32.07 2.45 -8.71
CA ILE D 325 32.53 1.63 -9.83
C ILE D 325 31.37 0.73 -10.23
N GLU D 326 31.55 -0.06 -11.30
CA GLU D 326 30.49 -0.95 -11.71
C GLU D 326 30.28 -2.04 -10.65
N GLU D 327 31.30 -2.88 -10.46
CA GLU D 327 31.28 -4.01 -9.54
C GLU D 327 32.72 -4.42 -9.21
N LYS D 328 33.52 -4.69 -10.25
CA LYS D 328 34.93 -5.08 -10.18
C LYS D 328 35.57 -5.14 -8.78
N MET D 340 41.33 6.97 -6.17
CA MET D 340 41.64 7.82 -5.02
C MET D 340 40.60 7.64 -3.93
N LEU D 341 39.32 7.62 -4.35
CA LEU D 341 38.22 7.40 -3.43
C LEU D 341 37.05 6.84 -4.22
N VAL D 342 36.15 6.17 -3.49
CA VAL D 342 34.93 5.60 -4.05
C VAL D 342 33.76 6.01 -3.16
N HIS D 343 32.66 6.42 -3.79
CA HIS D 343 31.42 6.77 -3.11
C HIS D 343 30.32 5.82 -3.58
N SER D 344 29.63 5.18 -2.64
CA SER D 344 29.87 5.31 -1.20
C SER D 344 30.03 3.93 -0.56
N ARG D 345 30.49 3.89 0.68
CA ARG D 345 30.73 2.63 1.39
C ARG D 345 30.25 2.72 2.83
N LYS D 346 29.73 1.60 3.33
CA LYS D 346 29.30 1.46 4.72
C LYS D 346 30.49 1.19 5.62
N PRO D 347 30.33 1.36 6.94
CA PRO D 347 31.48 1.16 7.86
C PRO D 347 32.22 -0.17 7.72
N GLN D 348 31.52 -1.31 7.70
CA GLN D 348 32.22 -2.59 7.57
C GLN D 348 32.94 -2.69 6.24
N GLU D 349 32.32 -2.20 5.17
CA GLU D 349 32.94 -2.30 3.86
C GLU D 349 34.25 -1.51 3.81
N MET D 350 34.30 -0.37 4.49
CA MET D 350 35.56 0.38 4.55
C MET D 350 36.64 -0.41 5.27
N ILE D 351 36.29 -1.05 6.38
CA ILE D 351 37.26 -1.86 7.12
C ILE D 351 37.65 -3.09 6.32
N ASP D 352 36.69 -3.70 5.64
CA ASP D 352 36.97 -4.93 4.89
C ASP D 352 37.86 -4.65 3.69
N ILE D 353 37.56 -3.59 2.93
CA ILE D 353 38.38 -3.24 1.77
C ILE D 353 39.79 -2.87 2.21
N TRP D 354 39.91 -2.08 3.27
CA TRP D 354 41.20 -1.65 3.79
C TRP D 354 42.04 -2.85 4.24
#